data_8UR7
#
_entry.id   8UR7
#
loop_
_entity.id
_entity.type
_entity.pdbx_description
1 polymer 'Trimer head HA,Hemagglutinin HA1 chain'
2 non-polymer 2-acetamido-2-deoxy-beta-D-glucopyranose
#
_entity_poly.entity_id   1
_entity_poly.type   'polypeptide(L)'
_entity_poly.pdbx_seq_one_letter_code
;MDSKGSSQKGSRLLLLLVVSNLLLPQGVLAIAPLQLGNCSVAGWILGNPECELLISKESWSYIVETPNPENGTCFPGYFA
DYEELRCQLSSVSSFERFEIFPKESSWPNHTVTGVSASCSHNGKSSFYRNLLWLTGKNGLYPNLSKSYVNNKEKEVLVLW
GVHHPPNIGNQRALYHTENAYVLVVSSHYDRVFTPIIAKRPKVRDQEGRINYYWTLLEPGDTIIFEANGNLIAPWYAFAL
SRGFGSGSGSCIENINSKIYHIEDKIEEINRKIEHILSKIYHIERKIEEILNEIAELAYLLGELAYKLGEYRIAIRAYRI
ALKSDPNNAEAWYNLGNAYYKQGRYREAIEYYQKALELDPNNAEAWYNLGNAYYERGEYEEAIEYYRKALRLDPNNADAM
QNLLNAKMREEGGWELQHHHHHH
;
_entity_poly.pdbx_strand_id   A,B,C
#
# COMPACT_ATOMS: atom_id res chain seq x y z
N ALA A 32 -13.59 -6.51 -25.01
CA ALA A 32 -12.19 -6.37 -25.40
C ALA A 32 -11.27 -6.79 -24.23
N PRO A 33 -11.12 -8.11 -23.96
CA PRO A 33 -10.30 -8.72 -22.91
C PRO A 33 -8.84 -8.89 -23.29
N LEU A 34 -8.49 -8.52 -24.52
CA LEU A 34 -7.17 -8.77 -25.11
C LEU A 34 -6.95 -10.23 -25.43
N GLN A 35 -5.88 -10.47 -26.18
CA GLN A 35 -5.56 -11.78 -26.76
C GLN A 35 -4.63 -12.60 -25.88
N LEU A 36 -4.32 -12.10 -24.68
CA LEU A 36 -3.35 -12.74 -23.83
C LEU A 36 -3.70 -14.19 -23.54
N GLY A 37 -2.71 -15.06 -23.67
CA GLY A 37 -2.87 -16.50 -23.43
C GLY A 37 -2.25 -16.90 -22.10
N ASN A 38 -1.30 -17.84 -22.14
CA ASN A 38 -0.63 -18.34 -20.94
C ASN A 38 0.51 -17.42 -20.51
N CYS A 39 0.21 -16.11 -20.49
CA CYS A 39 1.13 -15.03 -20.16
C CYS A 39 0.59 -14.21 -18.99
N SER A 40 1.50 -13.59 -18.26
CA SER A 40 1.13 -12.60 -17.24
C SER A 40 1.18 -11.22 -17.85
N VAL A 41 0.64 -10.23 -17.15
CA VAL A 41 0.75 -8.86 -17.62
C VAL A 41 2.21 -8.46 -17.69
N ALA A 42 3.00 -8.87 -16.69
CA ALA A 42 4.41 -8.53 -16.66
C ALA A 42 5.12 -9.10 -17.89
N GLY A 43 4.81 -10.34 -18.24
CA GLY A 43 5.44 -10.95 -19.41
C GLY A 43 5.11 -10.14 -20.66
N TRP A 44 3.85 -9.70 -20.75
CA TRP A 44 3.40 -8.97 -21.97
C TRP A 44 4.12 -7.62 -22.08
N ILE A 45 4.20 -6.85 -20.99
CA ILE A 45 4.78 -5.51 -21.07
C ILE A 45 6.30 -5.52 -20.99
N LEU A 46 6.88 -6.52 -20.33
CA LEU A 46 8.33 -6.61 -20.26
C LEU A 46 8.91 -7.15 -21.56
N GLY A 47 8.15 -7.98 -22.25
CA GLY A 47 8.59 -8.53 -23.53
C GLY A 47 9.13 -9.95 -23.40
N ASN A 48 8.39 -10.82 -22.73
CA ASN A 48 8.77 -12.22 -22.64
C ASN A 48 8.79 -12.84 -24.04
N PRO A 49 9.92 -13.40 -24.48
CA PRO A 49 10.16 -13.99 -25.79
C PRO A 49 9.08 -14.96 -26.22
N GLU A 50 8.44 -15.61 -25.25
CA GLU A 50 7.44 -16.63 -25.55
C GLU A 50 6.00 -16.11 -25.71
N CYS A 51 5.79 -14.80 -25.52
CA CYS A 51 4.47 -14.18 -25.64
C CYS A 51 4.32 -13.45 -26.97
N GLU A 52 3.66 -14.10 -27.92
CA GLU A 52 3.48 -13.53 -29.26
C GLU A 52 2.33 -12.53 -29.24
N LEU A 53 2.50 -11.47 -28.48
CA LEU A 53 1.46 -10.47 -28.28
C LEU A 53 1.78 -9.19 -29.04
N LEU A 54 2.89 -9.19 -29.76
CA LEU A 54 3.34 -8.00 -30.47
C LEU A 54 2.64 -7.87 -31.80
N ILE A 55 1.35 -7.57 -31.74
CA ILE A 55 0.49 -7.48 -32.91
C ILE A 55 -0.19 -6.12 -32.94
N SER A 56 -0.91 -5.83 -34.02
CA SER A 56 -1.60 -4.56 -34.17
C SER A 56 -2.88 -4.52 -33.33
N LYS A 57 -2.71 -4.56 -32.01
CA LYS A 57 -3.82 -4.50 -31.07
C LYS A 57 -3.72 -3.22 -30.26
N GLU A 58 -4.81 -2.46 -30.22
CA GLU A 58 -4.80 -1.16 -29.55
C GLU A 58 -5.52 -1.18 -28.21
N SER A 59 -6.72 -0.60 -28.17
CA SER A 59 -7.44 -0.38 -26.93
C SER A 59 -8.05 -1.65 -26.35
N TRP A 60 -8.42 -1.58 -25.07
CA TRP A 60 -9.11 -2.68 -24.41
C TRP A 60 -9.93 -2.18 -23.22
N SER A 61 -10.82 -3.04 -22.73
CA SER A 61 -11.64 -2.71 -21.57
C SER A 61 -11.36 -3.53 -20.31
N TYR A 62 -10.59 -4.61 -20.47
CA TYR A 62 -10.15 -5.47 -19.41
C TYR A 62 -8.99 -6.31 -19.86
N ILE A 63 -8.10 -6.69 -18.96
CA ILE A 63 -6.99 -7.55 -19.33
C ILE A 63 -7.12 -8.96 -18.78
N VAL A 64 -7.12 -9.94 -19.67
CA VAL A 64 -7.16 -11.33 -19.24
C VAL A 64 -5.74 -11.87 -19.15
N GLU A 65 -5.47 -12.63 -18.09
CA GLU A 65 -4.15 -13.23 -17.91
C GLU A 65 -4.29 -14.57 -17.20
N THR A 66 -3.27 -15.41 -17.32
CA THR A 66 -3.27 -16.71 -16.67
C THR A 66 -2.64 -16.62 -15.27
N PRO A 67 -3.38 -16.97 -14.20
CA PRO A 67 -2.98 -16.95 -12.80
C PRO A 67 -1.66 -17.70 -12.56
N ASN A 68 -1.44 -18.76 -13.33
CA ASN A 68 -0.23 -19.56 -13.21
C ASN A 68 0.38 -19.79 -14.60
N PRO A 69 0.99 -18.75 -15.17
CA PRO A 69 1.43 -18.64 -16.55
C PRO A 69 2.71 -19.43 -16.78
N GLU A 70 3.00 -19.74 -18.04
CA GLU A 70 4.26 -20.36 -18.39
C GLU A 70 5.20 -19.34 -19.04
N ASN A 71 4.59 -18.33 -19.67
CA ASN A 71 5.34 -17.33 -20.41
C ASN A 71 5.32 -15.99 -19.70
N GLY A 72 5.10 -16.02 -18.39
CA GLY A 72 5.05 -14.79 -17.60
C GLY A 72 6.45 -14.36 -17.18
N THR A 73 6.94 -14.96 -16.10
CA THR A 73 8.29 -14.68 -15.63
C THR A 73 9.32 -15.27 -16.59
N CYS A 74 10.30 -14.45 -16.99
CA CYS A 74 11.40 -14.87 -17.86
C CYS A 74 12.66 -15.06 -17.04
N PHE A 75 12.95 -14.06 -16.21
CA PHE A 75 14.06 -14.08 -15.27
C PHE A 75 13.50 -13.70 -13.90
N PRO A 76 13.70 -14.53 -12.87
CA PRO A 76 13.07 -14.45 -11.57
C PRO A 76 13.41 -13.17 -10.83
N GLY A 77 12.43 -12.64 -10.10
CA GLY A 77 12.60 -11.41 -9.34
C GLY A 77 11.26 -10.86 -8.89
N TYR A 78 11.30 -9.78 -8.14
CA TYR A 78 10.09 -9.15 -7.63
C TYR A 78 9.65 -7.99 -8.50
N PHE A 79 8.38 -7.95 -8.85
CA PHE A 79 7.84 -6.86 -9.65
C PHE A 79 7.10 -5.89 -8.73
N ALA A 80 7.63 -4.68 -8.61
CA ALA A 80 7.08 -3.71 -7.68
C ALA A 80 5.72 -3.21 -8.13
N ASP A 81 4.80 -3.09 -7.18
CA ASP A 81 3.48 -2.54 -7.44
C ASP A 81 2.80 -3.20 -8.63
N TYR A 82 2.95 -4.53 -8.73
CA TYR A 82 2.35 -5.26 -9.83
C TYR A 82 0.85 -5.11 -9.84
N GLU A 83 0.24 -5.22 -8.67
CA GLU A 83 -1.21 -5.15 -8.58
C GLU A 83 -1.73 -3.79 -9.05
N GLU A 84 -1.01 -2.74 -8.70
CA GLU A 84 -1.43 -1.41 -9.11
C GLU A 84 -1.28 -1.21 -10.60
N LEU A 85 -0.23 -1.80 -11.18
CA LEU A 85 0.01 -1.63 -12.62
C LEU A 85 -1.04 -2.37 -13.44
N ARG A 86 -1.33 -3.60 -13.06
CA ARG A 86 -2.33 -4.37 -13.81
C ARG A 86 -3.74 -3.79 -13.64
N CYS A 87 -4.02 -3.19 -12.47
CA CYS A 87 -5.30 -2.56 -12.18
C CYS A 87 -5.42 -1.24 -12.94
N GLN A 88 -4.37 -0.43 -12.89
CA GLN A 88 -4.34 0.87 -13.55
C GLN A 88 -4.47 0.76 -15.07
N LEU A 89 -3.91 -0.31 -15.63
CA LEU A 89 -3.97 -0.53 -17.06
C LEU A 89 -5.24 -1.23 -17.51
N SER A 90 -6.18 -1.44 -16.60
CA SER A 90 -7.39 -2.19 -16.94
C SER A 90 -8.18 -1.53 -18.06
N SER A 91 -8.12 -0.21 -18.15
CA SER A 91 -8.83 0.51 -19.20
C SER A 91 -7.88 1.43 -19.96
N VAL A 92 -7.66 1.12 -21.23
CA VAL A 92 -6.72 1.87 -22.03
C VAL A 92 -7.23 2.14 -23.45
N SER A 93 -6.94 3.33 -23.95
CA SER A 93 -7.27 3.70 -25.32
C SER A 93 -6.09 3.34 -26.22
N SER A 94 -5.60 4.31 -27.00
CA SER A 94 -4.48 4.03 -27.87
C SER A 94 -3.29 3.52 -27.05
N PHE A 95 -2.62 2.49 -27.57
CA PHE A 95 -1.51 1.85 -26.88
C PHE A 95 -0.33 1.63 -27.83
N GLU A 96 0.62 2.57 -27.81
CA GLU A 96 1.74 2.54 -28.73
C GLU A 96 3.04 2.10 -28.08
N ARG A 97 3.70 1.10 -28.66
CA ARG A 97 5.02 0.70 -28.19
C ARG A 97 6.08 1.39 -29.02
N PHE A 98 6.99 2.10 -28.37
CA PHE A 98 7.99 2.88 -29.10
C PHE A 98 9.34 2.86 -28.39
N GLU A 99 10.40 3.20 -29.11
CA GLU A 99 11.72 3.25 -28.48
C GLU A 99 11.88 4.51 -27.66
N ILE A 100 12.42 4.35 -26.46
CA ILE A 100 12.74 5.48 -25.60
C ILE A 100 14.24 5.70 -25.55
N PHE A 101 15.00 4.61 -25.46
CA PHE A 101 16.46 4.69 -25.48
C PHE A 101 17.05 3.64 -26.42
N PRO A 102 17.11 3.92 -27.73
CA PRO A 102 17.46 3.02 -28.80
C PRO A 102 18.78 2.28 -28.51
N LYS A 103 18.75 0.97 -28.68
CA LYS A 103 19.86 0.09 -28.35
C LYS A 103 21.19 0.52 -28.97
N GLU A 104 21.15 0.92 -30.23
CA GLU A 104 22.37 1.20 -30.98
C GLU A 104 23.05 2.53 -30.66
N SER A 105 22.33 3.48 -30.08
CA SER A 105 22.90 4.82 -29.91
C SER A 105 22.90 5.33 -28.48
N SER A 106 22.10 4.74 -27.61
CA SER A 106 21.94 5.28 -26.26
C SER A 106 23.10 4.96 -25.34
N TRP A 107 23.82 3.88 -25.60
CA TRP A 107 24.95 3.51 -24.75
C TRP A 107 26.17 3.08 -25.57
N PRO A 108 26.84 4.04 -26.22
CA PRO A 108 27.88 3.86 -27.22
C PRO A 108 29.04 2.94 -26.81
N ASN A 109 29.42 2.95 -25.52
CA ASN A 109 30.55 2.17 -25.03
C ASN A 109 30.16 1.22 -23.89
N HIS A 110 28.91 0.73 -23.91
CA HIS A 110 28.44 -0.27 -22.96
C HIS A 110 28.16 -1.58 -23.67
N THR A 111 28.19 -2.68 -22.93
CA THR A 111 27.84 -3.98 -23.48
C THR A 111 26.33 -4.16 -23.44
N VAL A 112 25.73 -4.47 -24.58
CA VAL A 112 24.28 -4.63 -24.66
C VAL A 112 23.88 -6.08 -24.90
N THR A 113 24.85 -6.98 -24.90
CA THR A 113 24.57 -8.40 -25.13
C THR A 113 24.20 -9.09 -23.83
N GLY A 114 23.27 -8.48 -23.11
CA GLY A 114 22.83 -8.96 -21.81
C GLY A 114 21.82 -10.09 -21.95
N VAL A 115 22.31 -11.30 -22.20
CA VAL A 115 21.42 -12.43 -22.41
C VAL A 115 21.76 -13.59 -21.48
N SER A 116 20.78 -14.48 -21.28
CA SER A 116 20.98 -15.65 -20.43
C SER A 116 20.06 -16.81 -20.80
N ALA A 117 20.35 -17.98 -20.24
CA ALA A 117 19.56 -19.18 -20.47
C ALA A 117 18.12 -19.02 -19.98
N SER A 118 17.93 -18.17 -18.98
CA SER A 118 16.61 -17.96 -18.37
C SER A 118 15.54 -17.59 -19.41
N CYS A 119 15.93 -16.83 -20.43
CA CYS A 119 15.03 -16.33 -21.45
C CYS A 119 15.32 -16.99 -22.79
N SER A 120 15.95 -18.16 -22.76
CA SER A 120 16.28 -18.86 -23.98
C SER A 120 15.07 -19.01 -24.87
N HIS A 121 15.23 -18.68 -26.14
CA HIS A 121 14.16 -18.75 -27.12
C HIS A 121 14.63 -19.47 -28.36
N ASN A 122 13.99 -20.60 -28.65
CA ASN A 122 14.38 -21.45 -29.76
C ASN A 122 15.84 -21.90 -29.66
N GLY A 123 16.28 -22.14 -28.43
CA GLY A 123 17.62 -22.65 -28.19
C GLY A 123 18.68 -21.56 -28.03
N LYS A 124 18.31 -20.31 -28.25
CA LYS A 124 19.28 -19.22 -28.17
C LYS A 124 19.08 -18.37 -26.91
N SER A 125 20.17 -18.04 -26.24
CA SER A 125 20.11 -17.20 -25.06
C SER A 125 19.52 -15.85 -25.42
N SER A 126 18.73 -15.29 -24.51
CA SER A 126 18.08 -14.01 -24.80
C SER A 126 17.69 -13.28 -23.53
N PHE A 127 16.80 -12.31 -23.67
CA PHE A 127 16.33 -11.51 -22.54
C PHE A 127 14.99 -10.87 -22.89
N TYR A 128 14.43 -10.13 -21.95
CA TYR A 128 13.20 -9.39 -22.20
C TYR A 128 13.39 -8.43 -23.37
N ARG A 129 12.45 -8.44 -24.30
CA ARG A 129 12.58 -7.63 -25.51
C ARG A 129 12.59 -6.13 -25.24
N ASN A 130 11.87 -5.68 -24.23
CA ASN A 130 11.76 -4.24 -24.00
C ASN A 130 12.82 -3.70 -23.04
N LEU A 131 13.72 -4.59 -22.59
CA LEU A 131 14.76 -4.21 -21.64
C LEU A 131 16.16 -4.54 -22.16
N LEU A 132 17.15 -3.78 -21.69
CA LEU A 132 18.54 -4.09 -22.00
C LEU A 132 19.40 -4.17 -20.76
N TRP A 133 19.97 -5.35 -20.53
CA TRP A 133 20.83 -5.57 -19.39
C TRP A 133 22.25 -5.17 -19.75
N LEU A 134 22.73 -4.09 -19.13
CA LEU A 134 24.02 -3.54 -19.51
C LEU A 134 25.13 -4.07 -18.64
N THR A 135 26.28 -4.36 -19.25
CA THR A 135 27.48 -4.78 -18.54
C THR A 135 28.70 -4.05 -19.11
N GLY A 136 29.86 -4.25 -18.50
CA GLY A 136 31.07 -3.59 -18.97
C GLY A 136 31.79 -4.36 -20.06
N LYS A 137 32.88 -3.78 -20.55
CA LYS A 137 33.75 -4.39 -21.55
C LYS A 137 35.07 -3.64 -21.67
N ASN A 138 36.12 -4.35 -22.06
CA ASN A 138 37.43 -3.77 -22.37
C ASN A 138 38.11 -3.20 -21.12
N GLY A 139 37.55 -2.13 -20.60
CA GLY A 139 38.05 -1.49 -19.39
C GLY A 139 37.06 -1.66 -18.26
N LEU A 140 36.85 -0.60 -17.50
CA LEU A 140 35.93 -0.63 -16.37
C LEU A 140 34.57 -0.12 -16.80
N TYR A 141 33.51 -0.80 -16.37
CA TYR A 141 32.16 -0.34 -16.67
C TYR A 141 32.01 1.13 -16.29
N PRO A 142 31.77 2.02 -17.25
CA PRO A 142 31.62 3.45 -17.07
C PRO A 142 30.25 3.75 -16.50
N ASN A 143 30.09 4.93 -15.90
CA ASN A 143 28.78 5.37 -15.41
C ASN A 143 28.03 6.14 -16.50
N LEU A 144 26.70 6.04 -16.48
CA LEU A 144 25.84 6.67 -17.49
C LEU A 144 24.86 7.64 -16.88
N SER A 145 24.45 8.62 -17.68
CA SER A 145 23.37 9.52 -17.32
C SER A 145 22.54 9.84 -18.56
N LYS A 146 21.32 9.32 -18.61
CA LYS A 146 20.45 9.47 -19.77
C LYS A 146 19.09 10.04 -19.37
N SER A 147 18.44 10.75 -20.29
CA SER A 147 17.14 11.32 -19.98
C SER A 147 16.21 11.31 -21.18
N TYR A 148 14.91 11.40 -20.89
CA TYR A 148 13.87 11.45 -21.91
C TYR A 148 12.79 12.46 -21.57
N VAL A 149 12.36 13.21 -22.57
CA VAL A 149 11.29 14.18 -22.41
C VAL A 149 10.03 13.71 -23.13
N ASN A 150 8.91 13.74 -22.43
CA ASN A 150 7.65 13.26 -22.98
C ASN A 150 6.99 14.27 -23.90
N ASN A 151 7.08 14.03 -25.20
CA ASN A 151 6.50 14.91 -26.20
C ASN A 151 5.50 14.15 -27.06
N LYS A 152 4.90 13.11 -26.49
CA LYS A 152 3.97 12.26 -27.22
C LYS A 152 2.52 12.71 -27.09
N GLU A 153 2.28 13.66 -26.19
CA GLU A 153 0.92 14.09 -25.85
C GLU A 153 0.11 12.93 -25.29
N LYS A 154 0.83 11.97 -24.72
CA LYS A 154 0.27 10.79 -24.09
C LYS A 154 1.04 10.52 -22.81
N GLU A 155 0.49 9.71 -21.93
CA GLU A 155 1.21 9.33 -20.74
C GLU A 155 2.16 8.19 -21.08
N VAL A 156 3.37 8.22 -20.53
CA VAL A 156 4.34 7.20 -20.90
C VAL A 156 4.72 6.29 -19.75
N LEU A 157 4.61 5.00 -19.98
CA LEU A 157 4.98 3.97 -19.02
C LEU A 157 6.40 3.50 -19.28
N VAL A 158 7.28 3.70 -18.31
CA VAL A 158 8.68 3.33 -18.44
C VAL A 158 9.03 2.21 -17.48
N LEU A 159 9.53 1.12 -18.02
CA LEU A 159 9.89 -0.04 -17.21
C LEU A 159 11.40 -0.20 -17.16
N TRP A 160 11.94 -0.52 -15.99
CA TRP A 160 13.36 -0.81 -15.86
C TRP A 160 13.58 -1.75 -14.69
N GLY A 161 14.79 -2.27 -14.54
CA GLY A 161 15.05 -3.16 -13.42
C GLY A 161 16.40 -2.93 -12.74
N VAL A 162 16.61 -3.68 -11.67
CA VAL A 162 17.85 -3.61 -10.89
C VAL A 162 18.45 -5.01 -10.73
N HIS A 163 19.72 -5.14 -11.04
CA HIS A 163 20.39 -6.44 -10.95
C HIS A 163 20.84 -6.73 -9.52
N HIS A 164 20.64 -7.97 -9.09
CA HIS A 164 21.06 -8.43 -7.76
C HIS A 164 21.86 -9.73 -7.84
N PRO A 165 23.19 -9.63 -7.96
CA PRO A 165 24.12 -10.74 -8.09
C PRO A 165 24.03 -11.69 -6.90
N PRO A 166 24.26 -12.98 -7.13
CA PRO A 166 24.32 -14.04 -6.14
C PRO A 166 25.62 -14.02 -5.35
N ASN A 167 26.62 -13.30 -5.87
CA ASN A 167 27.93 -13.29 -5.26
C ASN A 167 28.71 -12.04 -5.63
N ILE A 168 29.57 -11.60 -4.72
CA ILE A 168 30.40 -10.43 -4.95
C ILE A 168 31.32 -10.64 -6.15
N GLY A 169 31.66 -11.90 -6.42
CA GLY A 169 32.51 -12.23 -7.56
C GLY A 169 31.88 -11.80 -8.87
N ASN A 170 30.56 -11.91 -8.97
CA ASN A 170 29.88 -11.54 -10.21
C ASN A 170 29.66 -10.04 -10.26
N GLN A 171 29.50 -9.42 -9.10
CA GLN A 171 29.37 -7.97 -9.05
C GLN A 171 30.63 -7.33 -9.63
N ARG A 172 31.77 -7.93 -9.32
CA ARG A 172 33.03 -7.46 -9.87
C ARG A 172 33.17 -7.84 -11.34
N ALA A 173 32.84 -9.08 -11.69
CA ALA A 173 33.02 -9.56 -13.06
C ALA A 173 32.19 -8.75 -14.06
N LEU A 174 30.99 -8.36 -13.66
CA LEU A 174 30.07 -7.67 -14.55
C LEU A 174 30.29 -6.16 -14.61
N TYR A 175 30.52 -5.54 -13.44
CA TYR A 175 30.57 -4.09 -13.38
C TYR A 175 31.88 -3.54 -12.82
N HIS A 176 32.82 -4.45 -12.57
CA HIS A 176 34.13 -4.07 -12.06
C HIS A 176 34.04 -3.24 -10.78
N THR A 177 33.12 -3.62 -9.91
CA THR A 177 32.98 -2.89 -8.65
C THR A 177 32.45 -3.79 -7.55
N GLU A 178 32.69 -3.39 -6.31
CA GLU A 178 32.09 -4.06 -5.16
C GLU A 178 30.95 -3.23 -4.60
N ASN A 179 30.68 -2.10 -5.24
CA ASN A 179 29.64 -1.17 -4.80
C ASN A 179 29.04 -0.39 -5.97
N ALA A 180 27.72 -0.39 -6.06
CA ALA A 180 27.02 0.33 -7.12
C ALA A 180 25.64 0.77 -6.64
N TYR A 181 25.12 1.79 -7.32
CA TYR A 181 23.77 2.29 -7.03
C TYR A 181 23.04 2.63 -8.31
N VAL A 182 21.70 2.66 -8.22
CA VAL A 182 20.87 3.14 -9.30
C VAL A 182 19.96 4.26 -8.82
N LEU A 183 20.06 5.42 -9.47
CA LEU A 183 19.25 6.57 -9.11
C LEU A 183 18.24 6.90 -10.20
N VAL A 184 16.97 6.95 -9.85
CA VAL A 184 15.96 7.33 -10.83
C VAL A 184 15.13 8.48 -10.32
N VAL A 185 15.08 9.55 -11.09
CA VAL A 185 14.27 10.70 -10.73
C VAL A 185 13.43 11.14 -11.91
N SER A 186 12.34 11.81 -11.63
CA SER A 186 11.51 12.39 -12.67
C SER A 186 10.78 13.60 -12.12
N SER A 187 10.03 14.28 -12.97
CA SER A 187 9.29 15.45 -12.55
C SER A 187 8.68 15.24 -11.16
N HIS A 188 8.07 14.07 -10.95
CA HIS A 188 7.41 13.79 -9.68
C HIS A 188 7.77 12.41 -9.13
N TYR A 189 9.06 12.09 -9.10
CA TYR A 189 9.49 10.78 -8.60
C TYR A 189 10.94 10.82 -8.10
N ASP A 190 11.16 10.24 -6.92
CA ASP A 190 12.50 10.18 -6.35
C ASP A 190 12.77 8.85 -5.66
N ARG A 191 13.63 8.03 -6.25
CA ARG A 191 13.95 6.73 -5.66
C ARG A 191 15.40 6.31 -5.91
N VAL A 192 16.02 5.72 -4.88
CA VAL A 192 17.35 5.15 -5.01
C VAL A 192 17.33 3.67 -4.72
N PHE A 193 17.96 2.89 -5.58
CA PHE A 193 18.03 1.45 -5.39
C PHE A 193 19.45 1.03 -5.08
N THR A 194 19.58 0.01 -4.24
CA THR A 194 20.87 -0.58 -3.97
C THR A 194 20.75 -2.10 -4.15
N PRO A 195 21.81 -2.77 -4.56
CA PRO A 195 21.90 -4.21 -4.71
C PRO A 195 21.98 -4.91 -3.37
N ILE A 196 21.38 -6.09 -3.30
CA ILE A 196 21.56 -7.00 -2.18
C ILE A 196 22.25 -8.24 -2.69
N ILE A 197 23.49 -8.45 -2.29
CA ILE A 197 24.26 -9.57 -2.82
C ILE A 197 24.19 -10.76 -1.87
N ALA A 198 23.56 -11.82 -2.35
CA ALA A 198 23.35 -13.02 -1.55
C ALA A 198 22.94 -14.18 -2.44
N LYS A 199 23.23 -15.39 -1.99
CA LYS A 199 22.77 -16.56 -2.72
C LYS A 199 21.33 -16.87 -2.35
N ARG A 200 20.46 -16.88 -3.36
CA ARG A 200 19.05 -17.16 -3.14
C ARG A 200 18.77 -18.62 -3.47
N PRO A 201 17.61 -19.14 -3.07
CA PRO A 201 17.07 -20.42 -3.48
C PRO A 201 17.02 -20.47 -5.01
N LYS A 202 17.33 -21.62 -5.58
CA LYS A 202 17.40 -21.72 -7.03
C LYS A 202 16.01 -21.65 -7.67
N VAL A 203 15.82 -20.64 -8.51
CA VAL A 203 14.57 -20.45 -9.23
C VAL A 203 14.85 -20.25 -10.71
N ARG A 204 14.25 -21.08 -11.55
CA ARG A 204 14.52 -21.03 -12.99
C ARG A 204 16.03 -21.12 -13.24
N ASP A 205 16.69 -21.98 -12.46
CA ASP A 205 18.12 -22.24 -12.55
C ASP A 205 19.00 -21.05 -12.17
N GLN A 206 18.40 -19.98 -11.64
CA GLN A 206 19.18 -18.81 -11.25
C GLN A 206 19.40 -18.73 -9.75
N GLU A 207 20.54 -18.18 -9.36
CA GLU A 207 20.83 -17.90 -7.96
C GLU A 207 20.66 -16.41 -7.64
N GLY A 208 20.68 -15.58 -8.68
CA GLY A 208 20.51 -14.14 -8.51
C GLY A 208 19.09 -13.70 -8.88
N ARG A 209 18.82 -12.41 -8.78
CA ARG A 209 17.49 -11.88 -9.11
C ARG A 209 17.54 -10.55 -9.84
N ILE A 210 16.50 -10.25 -10.60
CA ILE A 210 16.30 -8.92 -11.17
C ILE A 210 14.95 -8.35 -10.78
N ASN A 211 14.95 -7.22 -10.08
CA ASN A 211 13.70 -6.61 -9.66
C ASN A 211 13.24 -5.59 -10.68
N TYR A 212 11.93 -5.37 -10.76
CA TYR A 212 11.40 -4.44 -11.76
C TYR A 212 10.63 -3.30 -11.12
N TYR A 213 10.81 -2.11 -11.68
CA TYR A 213 10.16 -0.91 -11.20
C TYR A 213 9.60 -0.11 -12.37
N TRP A 214 8.61 0.73 -12.12
CA TRP A 214 8.02 1.51 -13.20
C TRP A 214 7.44 2.83 -12.74
N THR A 215 7.42 3.80 -13.65
CA THR A 215 6.79 5.10 -13.42
C THR A 215 5.98 5.55 -14.61
N LEU A 216 5.13 6.54 -14.39
CA LEU A 216 4.38 7.16 -15.46
C LEU A 216 4.78 8.62 -15.63
N LEU A 217 4.92 9.04 -16.88
CA LEU A 217 5.23 10.43 -17.18
C LEU A 217 4.04 11.11 -17.86
N GLU A 218 3.79 12.36 -17.51
CA GLU A 218 2.78 13.13 -18.21
C GLU A 218 3.46 13.93 -19.32
N PRO A 219 2.73 14.35 -20.35
CA PRO A 219 3.22 15.21 -21.39
C PRO A 219 3.91 16.42 -20.79
N GLY A 220 5.13 16.68 -21.23
CA GLY A 220 5.91 17.79 -20.71
C GLY A 220 6.89 17.37 -19.61
N ASP A 221 6.72 16.17 -19.06
CA ASP A 221 7.62 15.72 -18.00
C ASP A 221 8.93 15.17 -18.53
N THR A 222 9.82 14.84 -17.60
CA THR A 222 11.13 14.28 -17.92
C THR A 222 11.52 13.20 -16.93
N ILE A 223 12.22 12.18 -17.42
CA ILE A 223 12.78 11.14 -16.56
C ILE A 223 14.29 11.05 -16.74
N ILE A 224 15.01 10.90 -15.64
CA ILE A 224 16.47 10.82 -15.69
C ILE A 224 16.99 9.55 -15.00
N PHE A 225 17.81 8.81 -15.73
CA PHE A 225 18.43 7.60 -15.21
C PHE A 225 19.92 7.77 -14.99
N GLU A 226 20.36 7.57 -13.75
CA GLU A 226 21.78 7.64 -13.41
C GLU A 226 22.22 6.36 -12.73
N ALA A 227 23.29 5.74 -13.22
CA ALA A 227 23.74 4.49 -12.62
C ALA A 227 25.22 4.26 -12.83
N ASN A 228 25.83 3.55 -11.90
CA ASN A 228 27.21 3.12 -12.04
C ASN A 228 27.32 1.61 -11.94
N GLY A 229 26.22 0.92 -12.25
CA GLY A 229 26.21 -0.53 -12.24
C GLY A 229 24.85 -1.10 -11.87
N ASN A 230 24.64 -2.36 -12.21
CA ASN A 230 23.42 -3.09 -11.89
C ASN A 230 22.15 -2.47 -12.45
N LEU A 231 22.26 -1.87 -13.63
CA LEU A 231 21.06 -1.30 -14.25
C LEU A 231 20.56 -2.14 -15.42
N ILE A 232 19.28 -2.49 -15.35
CA ILE A 232 18.62 -3.10 -16.48
C ILE A 232 17.87 -2.00 -17.19
N ALA A 233 18.49 -1.46 -18.23
CA ALA A 233 18.03 -0.21 -18.82
C ALA A 233 16.73 -0.42 -19.57
N PRO A 234 15.88 0.61 -19.62
CA PRO A 234 14.71 0.69 -20.46
C PRO A 234 15.13 0.82 -21.91
N TRP A 235 14.42 0.15 -22.79
CA TRP A 235 14.66 0.27 -24.22
C TRP A 235 13.39 0.75 -24.91
N TYR A 236 12.30 0.04 -24.66
CA TYR A 236 11.00 0.42 -25.17
C TYR A 236 10.12 0.96 -24.07
N ALA A 237 9.17 1.81 -24.45
CA ALA A 237 8.22 2.38 -23.50
C ALA A 237 6.84 2.44 -24.16
N PHE A 238 5.81 2.60 -23.34
CA PHE A 238 4.45 2.60 -23.89
C PHE A 238 3.77 3.96 -23.75
N ALA A 239 3.28 4.49 -24.86
CA ALA A 239 2.56 5.76 -24.87
C ALA A 239 1.06 5.49 -24.86
N LEU A 240 0.41 5.87 -23.76
CA LEU A 240 -1.00 5.58 -23.55
C LEU A 240 -1.87 6.81 -23.60
N SER A 241 -2.97 6.72 -24.35
CA SER A 241 -3.96 7.79 -24.33
C SER A 241 -4.90 7.60 -23.15
N ARG A 242 -5.06 6.35 -22.74
CA ARG A 242 -5.87 5.95 -21.58
C ARG A 242 -7.37 6.18 -21.74
N GLY A 243 -7.76 7.42 -22.01
CA GLY A 243 -9.16 7.75 -22.19
C GLY A 243 -9.77 8.35 -20.92
N PHE A 244 -11.09 8.32 -20.83
CA PHE A 244 -11.82 8.98 -19.74
C PHE A 244 -12.67 8.01 -18.95
N GLY A 245 -12.27 6.74 -18.92
CA GLY A 245 -13.03 5.72 -18.22
C GLY A 245 -12.55 5.53 -16.78
N SER A 246 -11.62 6.38 -16.36
CA SER A 246 -11.04 6.29 -15.02
C SER A 246 -10.47 7.64 -14.59
N GLY A 247 -10.05 7.74 -13.34
CA GLY A 247 -9.46 8.97 -12.81
C GLY A 247 -7.95 8.90 -12.85
N SER A 248 -7.32 8.85 -11.67
CA SER A 248 -5.86 8.75 -11.62
C SER A 248 -5.42 7.37 -12.06
N GLY A 249 -6.29 6.39 -11.85
CA GLY A 249 -6.01 5.02 -12.24
C GLY A 249 -5.57 4.17 -11.06
N SER A 250 -5.36 4.80 -9.90
CA SER A 250 -5.00 4.04 -8.72
C SER A 250 -6.10 3.03 -8.46
N CYS A 251 -5.73 1.83 -8.01
CA CYS A 251 -6.70 0.74 -7.88
C CYS A 251 -7.78 1.09 -6.86
N ILE A 252 -7.42 1.90 -5.86
CA ILE A 252 -8.38 2.34 -4.86
C ILE A 252 -9.47 3.21 -5.47
N GLU A 253 -9.15 3.94 -6.55
CA GLU A 253 -10.17 4.76 -7.19
C GLU A 253 -11.04 3.91 -8.10
N ASN A 254 -10.42 2.95 -8.79
CA ASN A 254 -11.16 2.10 -9.72
C ASN A 254 -12.23 1.32 -8.98
N ILE A 255 -11.89 0.87 -7.78
CA ILE A 255 -12.83 0.12 -6.96
C ILE A 255 -13.92 1.01 -6.40
N ASN A 256 -13.56 2.24 -6.02
CA ASN A 256 -14.57 3.18 -5.54
C ASN A 256 -15.56 3.53 -6.64
N SER A 257 -15.08 3.57 -7.88
CA SER A 257 -15.94 3.85 -9.02
C SER A 257 -17.00 2.76 -9.16
N LYS A 258 -16.59 1.50 -9.04
CA LYS A 258 -17.53 0.39 -9.14
C LYS A 258 -18.59 0.45 -8.05
N ILE A 259 -18.18 0.78 -6.83
CA ILE A 259 -19.11 0.87 -5.71
C ILE A 259 -20.11 1.98 -5.93
N TYR A 260 -19.61 3.14 -6.37
CA TYR A 260 -20.47 4.28 -6.66
C TYR A 260 -21.51 3.89 -7.70
N HIS A 261 -21.05 3.21 -8.75
CA HIS A 261 -21.93 2.78 -9.84
C HIS A 261 -23.03 1.87 -9.32
N ILE A 262 -22.68 0.95 -8.42
CA ILE A 262 -23.67 0.08 -7.81
C ILE A 262 -24.70 0.86 -7.01
N GLU A 263 -24.24 1.84 -6.25
CA GLU A 263 -25.16 2.62 -5.43
C GLU A 263 -26.25 3.24 -6.30
N ASP A 264 -25.88 3.71 -7.48
CA ASP A 264 -26.86 4.31 -8.40
C ASP A 264 -27.88 3.27 -8.88
N LYS A 265 -27.42 2.05 -9.15
CA LYS A 265 -28.32 0.99 -9.57
C LYS A 265 -29.34 0.69 -8.47
N ILE A 266 -28.89 0.75 -7.23
CA ILE A 266 -29.75 0.47 -6.10
C ILE A 266 -30.85 1.52 -5.97
N GLU A 267 -30.50 2.79 -6.14
CA GLU A 267 -31.51 3.82 -6.09
C GLU A 267 -32.55 3.62 -7.20
N GLU A 268 -32.09 3.22 -8.39
CA GLU A 268 -33.01 3.00 -9.50
C GLU A 268 -34.01 1.90 -9.19
N ILE A 269 -33.52 0.77 -8.68
CA ILE A 269 -34.43 -0.33 -8.38
C ILE A 269 -35.37 0.03 -7.24
N ASN A 270 -34.89 0.82 -6.28
CA ASN A 270 -35.76 1.25 -5.19
C ASN A 270 -36.94 2.05 -5.71
N ARG A 271 -36.69 2.87 -6.73
CA ARG A 271 -37.77 3.65 -7.32
C ARG A 271 -38.78 2.74 -8.01
N LYS A 272 -38.28 1.68 -8.66
CA LYS A 272 -39.16 0.73 -9.31
C LYS A 272 -40.02 0.00 -8.30
N ILE A 273 -39.48 -0.27 -7.12
CA ILE A 273 -40.25 -0.93 -6.07
C ILE A 273 -41.41 -0.05 -5.63
N GLU A 274 -41.14 1.23 -5.39
CA GLU A 274 -42.22 2.14 -4.98
C GLU A 274 -43.28 2.23 -6.07
N HIS A 275 -42.83 2.24 -7.33
CA HIS A 275 -43.74 2.31 -8.46
C HIS A 275 -44.72 1.14 -8.47
N ILE A 276 -44.19 -0.08 -8.36
CA ILE A 276 -45.05 -1.25 -8.41
C ILE A 276 -45.89 -1.41 -7.16
N LEU A 277 -45.40 -0.97 -6.00
CA LEU A 277 -46.20 -1.05 -4.80
C LEU A 277 -47.45 -0.19 -4.94
N SER A 278 -47.27 1.00 -5.50
CA SER A 278 -48.39 1.89 -5.75
C SER A 278 -49.41 1.29 -6.72
N LYS A 279 -48.91 0.71 -7.81
CA LYS A 279 -49.79 0.11 -8.80
C LYS A 279 -50.51 -1.11 -8.27
N ILE A 280 -49.83 -1.90 -7.44
CA ILE A 280 -50.43 -3.09 -6.85
C ILE A 280 -51.57 -2.64 -5.95
N TYR A 281 -51.31 -1.55 -5.24
CA TYR A 281 -52.35 -0.96 -4.36
C TYR A 281 -53.57 -0.63 -5.21
N HIS A 282 -53.37 0.16 -6.27
CA HIS A 282 -54.55 0.58 -7.07
C HIS A 282 -55.27 -0.67 -7.60
N ILE A 283 -54.53 -1.64 -8.15
CA ILE A 283 -55.18 -2.83 -8.78
C ILE A 283 -55.98 -3.56 -7.70
N GLU A 284 -55.43 -3.62 -6.49
CA GLU A 284 -56.21 -4.26 -5.41
C GLU A 284 -57.54 -3.51 -5.28
N ARG A 285 -57.51 -2.19 -5.23
CA ARG A 285 -58.77 -1.43 -4.99
C ARG A 285 -59.86 -1.93 -5.96
N LYS A 286 -59.53 -2.05 -7.25
CA LYS A 286 -60.56 -2.48 -8.23
C LYS A 286 -61.06 -3.88 -7.83
N ILE A 287 -60.15 -4.74 -7.36
CA ILE A 287 -60.54 -6.11 -6.94
C ILE A 287 -61.55 -5.98 -5.82
N GLU A 288 -61.35 -5.00 -4.94
CA GLU A 288 -62.34 -4.76 -3.86
C GLU A 288 -63.67 -4.34 -4.48
N GLU A 289 -63.64 -3.51 -5.53
CA GLU A 289 -64.89 -2.97 -6.12
C GLU A 289 -65.58 -4.01 -7.02
N ILE A 290 -64.87 -4.59 -7.99
CA ILE A 290 -65.55 -5.61 -8.79
C ILE A 290 -66.28 -6.58 -7.88
N LEU A 291 -65.72 -6.81 -6.69
CA LEU A 291 -66.39 -7.61 -5.67
C LEU A 291 -67.62 -6.89 -5.13
N ASN A 292 -67.49 -5.57 -4.93
CA ASN A 292 -68.59 -4.77 -4.40
C ASN A 292 -69.77 -4.77 -5.36
N GLU A 293 -69.50 -4.88 -6.64
CA GLU A 293 -70.55 -4.93 -7.66
C GLU A 293 -71.41 -6.20 -7.57
N ILE A 294 -70.91 -7.24 -6.90
CA ILE A 294 -71.61 -8.52 -6.77
C ILE A 294 -71.78 -8.85 -5.29
N ALA B 32 -18.14 -19.71 11.64
CA ALA B 32 -16.84 -20.04 12.23
C ALA B 32 -15.98 -18.76 12.37
N PRO B 33 -16.28 -17.89 13.37
CA PRO B 33 -15.60 -16.64 13.69
C PRO B 33 -14.34 -16.80 14.54
N LEU B 34 -14.06 -18.05 14.93
CA LEU B 34 -13.00 -18.37 15.88
C LEU B 34 -13.34 -17.95 17.31
N GLN B 35 -12.53 -18.45 18.24
CA GLN B 35 -12.76 -18.33 19.68
C GLN B 35 -12.08 -17.11 20.28
N LEU B 36 -11.47 -16.27 19.44
CA LEU B 36 -10.68 -15.17 19.94
C LEU B 36 -11.48 -14.25 20.85
N GLY B 37 -10.88 -13.89 21.97
CA GLY B 37 -11.51 -13.01 22.97
C GLY B 37 -10.90 -11.62 22.92
N ASN B 38 -10.35 -11.17 24.05
CA ASN B 38 -9.75 -9.83 24.16
C ASN B 38 -8.31 -9.83 23.63
N CYS B 39 -8.13 -10.44 22.45
CA CYS B 39 -6.85 -10.60 21.77
C CYS B 39 -6.91 -9.99 20.38
N SER B 40 -5.76 -9.59 19.87
CA SER B 40 -5.62 -9.18 18.48
C SER B 40 -5.17 -10.38 17.65
N VAL B 41 -5.24 -10.24 16.33
CA VAL B 41 -4.71 -11.29 15.48
C VAL B 41 -3.22 -11.47 15.73
N ALA B 42 -2.51 -10.35 15.90
CA ALA B 42 -1.08 -10.41 16.14
C ALA B 42 -0.78 -11.18 17.42
N GLY B 43 -1.55 -10.93 18.47
CA GLY B 43 -1.32 -11.63 19.73
C GLY B 43 -1.51 -13.13 19.53
N TRP B 44 -2.53 -13.49 18.75
CA TRP B 44 -2.85 -14.93 18.53
C TRP B 44 -1.74 -15.62 17.76
N ILE B 45 -1.25 -15.03 16.67
CA ILE B 45 -0.25 -15.68 15.83
C ILE B 45 1.17 -15.53 16.36
N LEU B 46 1.44 -14.46 17.10
CA LEU B 46 2.77 -14.27 17.67
C LEU B 46 2.95 -15.11 18.92
N GLY B 47 1.86 -15.38 19.63
CA GLY B 47 1.91 -16.22 20.81
C GLY B 47 1.93 -15.41 22.11
N ASN B 48 1.02 -14.45 22.23
CA ASN B 48 0.89 -13.69 23.46
C ASN B 48 0.51 -14.63 24.60
N PRO B 49 1.31 -14.69 25.68
CA PRO B 49 1.16 -15.56 26.84
C PRO B 49 -0.25 -15.54 27.43
N GLU B 50 -0.95 -14.42 27.27
CA GLU B 50 -2.27 -14.25 27.87
C GLU B 50 -3.44 -14.71 26.98
N CYS B 51 -3.15 -15.18 25.76
CA CYS B 51 -4.18 -15.65 24.83
C CYS B 51 -4.23 -17.17 24.78
N GLU B 52 -5.20 -17.74 25.49
CA GLU B 52 -5.32 -19.20 25.58
C GLU B 52 -6.05 -19.72 24.35
N LEU B 53 -5.41 -19.53 23.19
CA LEU B 53 -5.99 -19.89 21.91
C LEU B 53 -5.35 -21.14 21.34
N LEU B 54 -4.41 -21.71 22.08
CA LEU B 54 -3.67 -22.88 21.61
C LEU B 54 -4.46 -24.15 21.85
N ILE B 55 -5.54 -24.30 21.10
CA ILE B 55 -6.45 -25.42 21.24
C ILE B 55 -6.62 -26.13 19.90
N SER B 56 -7.32 -27.25 19.90
CA SER B 56 -7.53 -28.02 18.68
C SER B 56 -8.59 -27.37 17.79
N LYS B 57 -8.27 -26.18 17.29
CA LYS B 57 -9.17 -25.44 16.40
C LYS B 57 -8.52 -25.33 15.03
N GLU B 58 -9.26 -25.72 13.99
CA GLU B 58 -8.70 -25.74 12.65
C GLU B 58 -9.20 -24.59 11.78
N SER B 59 -10.10 -24.89 10.85
CA SER B 59 -10.54 -23.94 9.83
C SER B 59 -11.47 -22.87 10.37
N TRP B 60 -11.62 -21.80 9.60
CA TRP B 60 -12.56 -20.73 9.92
C TRP B 60 -13.00 -19.96 8.68
N SER B 61 -14.06 -19.19 8.81
CA SER B 61 -14.55 -18.35 7.72
C SER B 61 -14.41 -16.85 7.92
N TYR B 62 -14.11 -16.45 9.14
CA TYR B 62 -13.86 -15.07 9.52
C TYR B 62 -13.13 -15.02 10.84
N ILE B 63 -12.33 -13.98 11.06
CA ILE B 63 -11.65 -13.85 12.34
C ILE B 63 -12.19 -12.71 13.17
N VAL B 64 -12.66 -13.02 14.38
CA VAL B 64 -13.13 -12.00 15.29
C VAL B 64 -11.98 -11.58 16.20
N GLU B 65 -11.86 -10.28 16.44
CA GLU B 65 -10.83 -9.77 17.33
C GLU B 65 -11.33 -8.52 18.04
N THR B 66 -10.70 -8.17 19.15
CA THR B 66 -11.07 -6.98 19.90
C THR B 66 -10.27 -5.77 19.42
N PRO B 67 -10.94 -4.70 18.95
CA PRO B 67 -10.38 -3.45 18.45
C PRO B 67 -9.40 -2.81 19.43
N ASN B 68 -9.67 -2.98 20.73
CA ASN B 68 -8.80 -2.43 21.77
C ASN B 68 -8.49 -3.50 22.81
N PRO B 69 -7.65 -4.48 22.46
CA PRO B 69 -7.37 -5.72 23.16
C PRO B 69 -6.49 -5.46 24.38
N GLU B 70 -6.50 -6.42 25.31
CA GLU B 70 -5.59 -6.36 26.44
C GLU B 70 -4.46 -7.37 26.26
N ASN B 71 -4.74 -8.42 25.51
CA ASN B 71 -3.79 -9.51 25.31
C ASN B 71 -3.24 -9.52 23.89
N GLY B 72 -3.29 -8.37 23.23
CA GLY B 72 -2.80 -8.25 21.87
C GLY B 72 -1.30 -8.00 21.84
N THR B 73 -0.91 -6.75 22.01
CA THR B 73 0.50 -6.40 22.07
C THR B 73 1.12 -6.90 23.37
N CYS B 74 2.26 -7.58 23.25
CA CYS B 74 3.02 -8.09 24.39
C CYS B 74 4.23 -7.21 24.64
N PHE B 75 4.96 -6.93 23.56
CA PHE B 75 6.10 -6.04 23.56
C PHE B 75 5.89 -5.04 22.42
N PRO B 76 5.92 -3.73 22.69
CA PRO B 76 5.54 -2.66 21.81
C PRO B 76 6.40 -2.59 20.56
N GLY B 77 5.78 -2.26 19.43
CA GLY B 77 6.47 -2.15 18.16
C GLY B 77 5.47 -2.09 17.01
N TYR B 78 5.98 -1.93 15.80
CA TYR B 78 5.14 -1.86 14.61
C TYR B 78 5.03 -3.20 13.92
N PHE B 79 3.82 -3.59 13.57
CA PHE B 79 3.60 -4.84 12.85
C PHE B 79 3.37 -4.53 11.38
N ALA B 80 4.31 -4.95 10.53
CA ALA B 80 4.26 -4.62 9.13
C ALA B 80 3.12 -5.33 8.43
N ASP B 81 2.43 -4.60 7.55
CA ASP B 81 1.37 -5.17 6.73
C ASP B 81 0.35 -5.93 7.56
N TYR B 82 0.01 -5.39 8.73
CA TYR B 82 -0.95 -6.05 9.61
C TYR B 82 -2.29 -6.22 8.94
N GLU B 83 -2.75 -5.17 8.26
CA GLU B 83 -4.06 -5.21 7.63
C GLU B 83 -4.11 -6.28 6.56
N GLU B 84 -3.03 -6.43 5.80
CA GLU B 84 -3.00 -7.44 4.76
C GLU B 84 -2.99 -8.84 5.35
N LEU B 85 -2.30 -9.02 6.47
CA LEU B 85 -2.21 -10.33 7.07
C LEU B 85 -3.54 -10.77 7.66
N ARG B 86 -4.20 -9.88 8.37
CA ARG B 86 -5.50 -10.23 8.97
C ARG B 86 -6.58 -10.43 7.90
N CYS B 87 -6.47 -9.70 6.78
CA CYS B 87 -7.40 -9.81 5.66
C CYS B 87 -7.15 -11.11 4.90
N GLN B 88 -5.88 -11.39 4.61
CA GLN B 88 -5.49 -12.58 3.86
C GLN B 88 -5.83 -13.87 4.60
N LEU B 89 -5.77 -13.84 5.93
CA LEU B 89 -6.08 -14.99 6.74
C LEU B 89 -7.57 -15.13 7.03
N SER B 90 -8.41 -14.28 6.44
CA SER B 90 -9.83 -14.30 6.75
C SER B 90 -10.48 -15.63 6.45
N SER B 91 -9.96 -16.33 5.44
CA SER B 91 -10.51 -17.64 5.07
C SER B 91 -9.41 -18.69 5.03
N VAL B 92 -9.47 -19.64 5.94
CA VAL B 92 -8.43 -20.66 6.05
C VAL B 92 -9.01 -22.05 6.28
N SER B 93 -8.39 -23.03 5.66
CA SER B 93 -8.74 -24.43 5.86
C SER B 93 -7.89 -25.00 7.00
N SER B 94 -7.20 -26.11 6.75
CA SER B 94 -6.36 -26.68 7.79
C SER B 94 -5.34 -25.66 8.27
N PHE B 95 -5.15 -25.60 9.59
CA PHE B 95 -4.25 -24.62 10.21
C PHE B 95 -3.35 -25.29 11.24
N GLU B 96 -2.14 -25.66 10.82
CA GLU B 96 -1.23 -26.40 11.70
C GLU B 96 -0.09 -25.54 12.24
N ARG B 97 0.09 -25.55 13.55
CA ARG B 97 1.23 -24.87 14.15
C ARG B 97 2.35 -25.87 14.36
N PHE B 98 3.53 -25.58 13.83
CA PHE B 98 4.64 -26.53 13.90
C PHE B 98 5.97 -25.82 14.09
N GLU B 99 6.98 -26.56 14.54
CA GLU B 99 8.30 -25.96 14.71
C GLU B 99 9.01 -25.83 13.37
N ILE B 100 9.61 -24.67 13.15
CA ILE B 100 10.41 -24.42 11.97
C ILE B 100 11.89 -24.40 12.31
N PHE B 101 12.22 -23.77 13.44
CA PHE B 101 13.59 -23.73 13.93
C PHE B 101 13.65 -24.04 15.43
N PRO B 102 13.63 -25.31 15.81
CA PRO B 102 13.51 -25.82 17.18
C PRO B 102 14.50 -25.14 18.11
N LYS B 103 13.99 -24.68 19.24
CA LYS B 103 14.77 -23.90 20.21
C LYS B 103 16.06 -24.58 20.64
N GLU B 104 16.01 -25.88 20.87
CA GLU B 104 17.14 -26.61 21.44
C GLU B 104 18.28 -26.92 20.47
N SER B 105 18.01 -26.88 19.17
CA SER B 105 19.03 -27.34 18.23
C SER B 105 19.40 -26.33 17.16
N SER B 106 18.56 -25.33 16.94
CA SER B 106 18.78 -24.41 15.84
C SER B 106 19.87 -23.38 16.10
N TRP B 107 20.12 -23.06 17.36
CA TRP B 107 21.14 -22.07 17.68
C TRP B 107 22.02 -22.52 18.86
N PRO B 108 22.89 -23.51 18.63
CA PRO B 108 23.68 -24.25 19.63
C PRO B 108 24.48 -23.39 20.61
N ASN B 109 24.99 -22.24 20.15
CA ASN B 109 25.84 -21.37 20.98
C ASN B 109 25.29 -19.94 21.08
N HIS B 110 23.95 -19.80 21.03
CA HIS B 110 23.29 -18.51 21.22
C HIS B 110 22.47 -18.54 22.51
N THR B 111 22.21 -17.37 23.07
CA THR B 111 21.36 -17.27 24.23
C THR B 111 19.90 -17.23 23.80
N VAL B 112 19.09 -18.12 24.37
CA VAL B 112 17.69 -18.19 24.00
C VAL B 112 16.76 -17.75 25.12
N THR B 113 17.34 -17.27 26.21
CA THR B 113 16.57 -16.81 27.36
C THR B 113 16.14 -15.37 27.18
N GLY B 114 15.59 -15.07 26.01
CA GLY B 114 15.19 -13.72 25.66
C GLY B 114 13.84 -13.37 26.25
N VAL B 115 13.82 -12.99 27.53
CA VAL B 115 12.57 -12.69 28.21
C VAL B 115 12.60 -11.30 28.85
N SER B 116 11.41 -10.77 29.12
CA SER B 116 11.31 -9.45 29.76
C SER B 116 9.99 -9.29 30.52
N ALA B 117 9.92 -8.23 31.32
CA ALA B 117 8.73 -7.91 32.10
C ALA B 117 7.52 -7.64 31.21
N SER B 118 7.77 -7.17 29.99
CA SER B 118 6.71 -6.81 29.07
C SER B 118 5.72 -7.94 28.84
N CYS B 119 6.21 -9.18 28.83
CA CYS B 119 5.40 -10.37 28.56
C CYS B 119 5.26 -11.22 29.82
N SER B 120 5.44 -10.60 30.97
CA SER B 120 5.36 -11.33 32.23
C SER B 120 4.06 -12.11 32.31
N HIS B 121 4.17 -13.38 32.69
CA HIS B 121 3.02 -14.26 32.78
C HIS B 121 3.03 -14.99 34.11
N ASN B 122 2.01 -14.74 34.92
CA ASN B 122 1.92 -15.31 36.26
C ASN B 122 3.13 -14.93 37.11
N GLY B 123 3.62 -13.70 36.91
CA GLY B 123 4.72 -13.17 37.72
C GLY B 123 6.10 -13.49 37.14
N LYS B 124 6.16 -14.30 36.10
CA LYS B 124 7.46 -14.68 35.53
C LYS B 124 7.74 -13.98 34.20
N SER B 125 8.95 -13.49 34.05
CA SER B 125 9.35 -12.85 32.79
C SER B 125 9.23 -13.84 31.65
N SER B 126 8.81 -13.34 30.48
CA SER B 126 8.61 -14.23 29.35
C SER B 126 8.69 -13.48 28.02
N PHE B 127 8.17 -14.11 26.97
CA PHE B 127 8.16 -13.52 25.64
C PHE B 127 7.11 -14.21 24.78
N TYR B 128 6.96 -13.75 23.54
CA TYR B 128 6.05 -14.39 22.62
C TYR B 128 6.41 -15.86 22.44
N ARG B 129 5.41 -16.74 22.53
CA ARG B 129 5.66 -18.17 22.47
C ARG B 129 6.24 -18.64 21.13
N ASN B 130 5.86 -18.00 20.04
CA ASN B 130 6.29 -18.48 18.73
C ASN B 130 7.59 -17.84 18.26
N LEU B 131 8.17 -16.98 19.10
CA LEU B 131 9.40 -16.26 18.75
C LEU B 131 10.51 -16.48 19.76
N LEU B 132 11.75 -16.37 19.31
CA LEU B 132 12.89 -16.42 20.21
C LEU B 132 13.81 -15.24 20.03
N TRP B 133 13.97 -14.45 21.09
CA TRP B 133 14.84 -13.30 21.07
C TRP B 133 16.24 -13.72 21.43
N LEU B 134 17.14 -13.67 20.45
CA LEU B 134 18.48 -14.18 20.66
C LEU B 134 19.45 -13.10 21.10
N THR B 135 20.33 -13.45 22.04
CA THR B 135 21.38 -12.57 22.51
C THR B 135 22.69 -13.33 22.62
N GLY B 136 23.79 -12.64 22.94
CA GLY B 136 25.08 -13.30 23.06
C GLY B 136 25.33 -13.86 24.46
N LYS B 137 26.49 -14.51 24.61
CA LYS B 137 26.95 -15.05 25.88
C LYS B 137 28.42 -15.44 25.81
N ASN B 138 29.09 -15.39 26.96
CA ASN B 138 30.47 -15.86 27.12
C ASN B 138 31.46 -14.99 26.34
N GLY B 139 31.38 -15.06 25.02
CA GLY B 139 32.24 -14.28 24.14
C GLY B 139 31.40 -13.26 23.39
N LEU B 140 31.68 -13.10 22.11
CA LEU B 140 30.96 -12.14 21.28
C LEU B 140 29.82 -12.83 20.56
N TYR B 141 28.65 -12.19 20.52
CA TYR B 141 27.53 -12.75 19.79
C TYR B 141 27.95 -13.11 18.36
N PRO B 142 27.93 -14.39 18.00
CA PRO B 142 28.31 -14.92 16.70
C PRO B 142 27.21 -14.63 15.69
N ASN B 143 27.56 -14.66 14.40
CA ASN B 143 26.56 -14.51 13.34
C ASN B 143 26.00 -15.88 12.94
N LEU B 144 24.73 -15.88 12.52
CA LEU B 144 24.03 -17.11 12.15
C LEU B 144 23.54 -17.09 10.72
N SER B 145 23.40 -18.28 10.14
CA SER B 145 22.75 -18.46 8.85
C SER B 145 21.94 -19.74 8.85
N LYS B 146 20.62 -19.60 8.84
CA LYS B 146 19.72 -20.75 8.93
C LYS B 146 18.71 -20.74 7.79
N SER B 147 18.25 -21.92 7.39
CA SER B 147 17.27 -21.99 6.31
C SER B 147 16.24 -23.08 6.51
N TYR B 148 15.11 -22.95 5.82
CA TYR B 148 14.04 -23.93 5.87
C TYR B 148 13.43 -24.15 4.50
N VAL B 149 13.16 -25.42 4.19
CA VAL B 149 12.53 -25.79 2.93
C VAL B 149 11.11 -26.27 3.17
N ASN B 150 10.16 -25.73 2.41
CA ASN B 150 8.76 -26.06 2.59
C ASN B 150 8.38 -27.38 1.94
N ASN B 151 8.21 -28.40 2.77
CA ASN B 151 7.85 -29.74 2.30
C ASN B 151 6.54 -30.19 2.93
N LYS B 152 5.70 -29.23 3.29
CA LYS B 152 4.44 -29.52 3.98
C LYS B 152 3.28 -29.71 3.01
N GLU B 153 3.50 -29.37 1.73
CA GLU B 153 2.44 -29.35 0.73
C GLU B 153 1.36 -28.35 1.12
N LYS B 154 1.76 -27.36 1.90
CA LYS B 154 0.91 -26.29 2.36
C LYS B 154 1.69 -24.99 2.28
N GLU B 155 1.00 -23.86 2.32
CA GLU B 155 1.71 -22.59 2.36
C GLU B 155 2.14 -22.31 3.79
N VAL B 156 3.34 -21.77 3.96
CA VAL B 156 3.84 -21.56 5.31
C VAL B 156 4.02 -20.10 5.66
N LEU B 157 3.43 -19.70 6.78
CA LEU B 157 3.55 -18.34 7.30
C LEU B 157 4.65 -18.27 8.34
N VAL B 158 5.67 -17.46 8.04
CA VAL B 158 6.82 -17.33 8.93
C VAL B 158 6.87 -15.94 9.53
N LEU B 159 6.89 -15.87 10.85
CA LEU B 159 6.92 -14.59 11.55
C LEU B 159 8.27 -14.39 12.22
N TRP B 160 8.81 -13.18 12.14
CA TRP B 160 10.04 -12.85 12.84
C TRP B 160 10.06 -11.36 13.14
N GLY B 161 11.02 -10.91 13.94
CA GLY B 161 11.09 -9.49 14.25
C GLY B 161 12.51 -8.94 14.26
N VAL B 162 12.59 -7.63 14.45
CA VAL B 162 13.87 -6.91 14.50
C VAL B 162 13.95 -6.07 15.77
N HIS B 163 15.05 -6.21 16.50
CA HIS B 163 15.21 -5.48 17.75
C HIS B 163 15.72 -4.07 17.50
N HIS B 164 15.15 -3.11 18.24
CA HIS B 164 15.56 -1.71 18.16
C HIS B 164 15.84 -1.12 19.54
N PRO B 165 17.08 -1.19 20.01
CA PRO B 165 17.54 -0.74 21.31
C PRO B 165 17.27 0.75 21.50
N PRO B 166 17.01 1.18 22.74
CA PRO B 166 16.82 2.55 23.16
C PRO B 166 18.13 3.31 23.26
N ASN B 167 19.24 2.57 23.29
CA ASN B 167 20.55 3.18 23.50
C ASN B 167 21.65 2.29 22.94
N ILE B 168 22.73 2.94 22.48
CA ILE B 168 23.88 2.22 21.96
C ILE B 168 24.51 1.32 23.01
N GLY B 169 24.33 1.69 24.28
CA GLY B 169 24.87 0.90 25.37
C GLY B 169 24.26 -0.50 25.41
N ASN B 170 22.99 -0.61 25.05
CA ASN B 170 22.32 -1.90 25.05
C ASN B 170 22.64 -2.67 23.79
N GLN B 171 22.85 -1.96 22.70
CA GLN B 171 23.25 -2.60 21.45
C GLN B 171 24.57 -3.33 21.66
N ARG B 172 25.46 -2.72 22.43
CA ARG B 172 26.72 -3.35 22.78
C ARG B 172 26.52 -4.47 23.81
N ALA B 173 25.75 -4.20 24.84
CA ALA B 173 25.57 -5.17 25.91
C ALA B 173 24.95 -6.48 25.42
N LEU B 174 24.02 -6.37 24.47
CA LEU B 174 23.30 -7.54 23.97
C LEU B 174 24.01 -8.29 22.86
N TYR B 175 24.60 -7.55 21.91
CA TYR B 175 25.16 -8.17 20.73
C TYR B 175 26.64 -7.86 20.53
N HIS B 176 27.23 -7.16 21.48
CA HIS B 176 28.65 -6.82 21.44
C HIS B 176 29.01 -6.10 20.14
N THR B 177 28.15 -5.19 19.70
CA THR B 177 28.43 -4.44 18.49
C THR B 177 27.77 -3.07 18.52
N GLU B 178 28.30 -2.16 17.72
CA GLU B 178 27.66 -0.86 17.52
C GLU B 178 26.96 -0.82 16.16
N ASN B 179 27.02 -1.94 15.45
CA ASN B 179 26.45 -2.05 14.11
C ASN B 179 26.01 -3.47 13.79
N ALA B 180 24.77 -3.62 13.34
CA ALA B 180 24.24 -4.93 13.00
C ALA B 180 23.18 -4.81 11.90
N TYR B 181 22.96 -5.91 11.19
CA TYR B 181 21.93 -5.96 10.16
C TYR B 181 21.20 -7.29 10.18
N VAL B 182 19.99 -7.29 9.63
CA VAL B 182 19.25 -8.53 9.43
C VAL B 182 18.86 -8.68 7.97
N LEU B 183 19.26 -9.79 7.36
CA LEU B 183 18.96 -10.06 5.96
C LEU B 183 18.01 -11.23 5.82
N VAL B 184 16.89 -11.01 5.15
CA VAL B 184 15.97 -12.11 4.92
C VAL B 184 15.66 -12.25 3.44
N VAL B 185 15.89 -13.43 2.91
CA VAL B 185 15.58 -13.70 1.52
C VAL B 185 14.81 -14.99 1.40
N SER B 186 14.07 -15.12 0.31
CA SER B 186 13.38 -16.37 0.01
C SER B 186 13.19 -16.48 -1.49
N SER B 187 12.63 -17.60 -1.91
CA SER B 187 12.41 -17.81 -3.34
C SER B 187 11.95 -16.53 -4.02
N HIS B 188 11.00 -15.83 -3.41
CA HIS B 188 10.45 -14.62 -4.00
C HIS B 188 10.37 -13.46 -3.01
N TYR B 189 11.45 -13.21 -2.27
CA TYR B 189 11.46 -12.13 -1.29
C TYR B 189 12.88 -11.63 -1.01
N ASP B 190 13.04 -10.31 -1.00
CA ASP B 190 14.34 -9.70 -0.71
C ASP B 190 14.20 -8.46 0.16
N ARG B 191 14.65 -8.54 1.40
CA ARG B 191 14.57 -7.39 2.30
C ARG B 191 15.72 -7.33 3.29
N VAL B 192 16.22 -6.12 3.53
CA VAL B 192 17.24 -5.89 4.54
C VAL B 192 16.73 -4.93 5.60
N PHE B 193 16.94 -5.29 6.86
CA PHE B 193 16.52 -4.45 7.95
C PHE B 193 17.73 -3.89 8.69
N THR B 194 17.61 -2.67 9.17
CA THR B 194 18.62 -2.07 10.02
C THR B 194 17.96 -1.53 11.27
N PRO B 195 18.66 -1.51 12.40
CA PRO B 195 18.22 -0.97 13.66
C PRO B 195 18.22 0.56 13.65
N ILE B 196 17.25 1.13 14.35
CA ILE B 196 17.24 2.56 14.64
C ILE B 196 17.38 2.74 16.13
N ILE B 197 18.52 3.26 16.58
CA ILE B 197 18.76 3.37 18.01
C ILE B 197 18.40 4.75 18.51
N ALA B 198 17.39 4.79 19.36
CA ALA B 198 16.87 6.05 19.88
C ALA B 198 15.97 5.80 21.08
N LYS B 199 15.87 6.78 21.96
CA LYS B 199 14.94 6.66 23.07
C LYS B 199 13.54 7.04 22.61
N ARG B 200 12.60 6.11 22.76
CA ARG B 200 11.22 6.36 22.36
C ARG B 200 10.41 6.75 23.59
N PRO B 201 9.21 7.28 23.40
CA PRO B 201 8.19 7.49 24.43
C PRO B 201 7.94 6.17 25.14
N LYS B 202 7.75 6.23 26.46
CA LYS B 202 7.59 5.00 27.22
C LYS B 202 6.24 4.33 26.94
N VAL B 203 6.30 3.11 26.43
CA VAL B 203 5.12 2.32 26.15
C VAL B 203 5.26 0.93 26.77
N ARG B 204 4.30 0.54 27.61
CA ARG B 204 4.39 -0.73 28.32
C ARG B 204 5.72 -0.82 29.06
N ASP B 205 6.13 0.30 29.64
CA ASP B 205 7.36 0.43 30.42
C ASP B 205 8.64 0.25 29.62
N GLN B 206 8.53 0.18 28.28
CA GLN B 206 9.71 0.01 27.45
C GLN B 206 10.14 1.32 26.78
N GLU B 207 11.44 1.45 26.58
CA GLU B 207 11.99 2.57 25.82
C GLU B 207 12.39 2.13 24.41
N GLY B 208 12.57 0.83 24.22
CA GLY B 208 12.95 0.29 22.92
C GLY B 208 11.74 -0.30 22.21
N ARG B 209 11.95 -0.85 21.01
CA ARG B 209 10.86 -1.45 20.24
C ARG B 209 11.28 -2.73 19.52
N ILE B 210 10.32 -3.59 19.24
CA ILE B 210 10.52 -4.74 18.35
C ILE B 210 9.52 -4.73 17.21
N ASN B 211 10.02 -4.65 15.98
CA ASN B 211 9.12 -4.64 14.82
C ASN B 211 8.92 -6.05 14.30
N TYR B 212 7.79 -6.29 13.67
CA TYR B 212 7.49 -7.63 13.17
C TYR B 212 7.24 -7.65 11.67
N TYR B 213 7.76 -8.69 11.03
CA TYR B 213 7.64 -8.87 9.60
C TYR B 213 7.25 -10.31 9.29
N TRP B 214 6.66 -10.54 8.12
CA TRP B 214 6.25 -11.89 7.77
C TRP B 214 6.24 -12.14 6.27
N THR B 215 6.43 -13.41 5.91
CA THR B 215 6.35 -13.85 4.52
C THR B 215 5.59 -15.16 4.39
N LEU B 216 5.18 -15.47 3.17
CA LEU B 216 4.56 -16.75 2.88
C LEU B 216 5.43 -17.56 1.93
N LEU B 217 5.55 -18.85 2.20
CA LEU B 217 6.28 -19.77 1.33
C LEU B 217 5.32 -20.73 0.66
N GLU B 218 5.58 -21.04 -0.61
CA GLU B 218 4.82 -22.07 -1.29
C GLU B 218 5.58 -23.38 -1.17
N PRO B 219 4.92 -24.53 -1.33
CA PRO B 219 5.54 -25.84 -1.36
C PRO B 219 6.69 -25.83 -2.36
N GLY B 220 7.85 -26.27 -1.92
CA GLY B 220 9.04 -26.29 -2.76
C GLY B 220 9.94 -25.08 -2.56
N ASP B 221 9.43 -24.03 -1.90
CA ASP B 221 10.24 -22.83 -1.69
C ASP B 221 11.20 -22.97 -0.53
N THR B 222 12.04 -21.96 -0.35
CA THR B 222 13.00 -21.90 0.74
C THR B 222 13.11 -20.50 1.31
N ILE B 223 13.35 -20.40 2.61
CA ILE B 223 13.60 -19.12 3.27
C ILE B 223 14.95 -19.16 3.99
N ILE B 224 15.72 -18.09 3.87
CA ILE B 224 17.03 -18.01 4.50
C ILE B 224 17.16 -16.78 5.41
N PHE B 225 17.57 -17.02 6.64
CA PHE B 225 17.78 -15.95 7.61
C PHE B 225 19.26 -15.76 7.93
N GLU B 226 19.75 -14.56 7.69
CA GLU B 226 21.14 -14.21 8.00
C GLU B 226 21.17 -12.98 8.89
N ALA B 227 21.89 -13.06 10.01
CA ALA B 227 21.94 -11.93 10.90
C ALA B 227 23.21 -11.92 11.75
N ASN B 228 23.65 -10.72 12.12
CA ASN B 228 24.75 -10.57 13.05
C ASN B 228 24.34 -9.76 14.26
N GLY B 229 23.04 -9.77 14.55
CA GLY B 229 22.52 -9.08 15.72
C GLY B 229 21.11 -8.57 15.50
N ASN B 230 20.42 -8.28 16.60
CA ASN B 230 19.08 -7.72 16.60
C ASN B 230 18.06 -8.59 15.88
N LEU B 231 18.20 -9.90 15.97
CA LEU B 231 17.22 -10.78 15.35
C LEU B 231 16.30 -11.43 16.37
N ILE B 232 15.01 -11.28 16.16
CA ILE B 232 14.03 -12.02 16.92
C ILE B 232 13.64 -13.21 16.08
N ALA B 233 14.26 -14.35 16.34
CA ALA B 233 14.19 -15.47 15.44
C ALA B 233 12.82 -16.13 15.46
N PRO B 234 12.39 -16.69 14.34
CA PRO B 234 11.21 -17.53 14.22
C PRO B 234 11.47 -18.84 14.93
N TRP B 235 10.46 -19.35 15.61
CA TRP B 235 10.54 -20.65 16.27
C TRP B 235 9.44 -21.55 15.72
N TYR B 236 8.21 -21.05 15.77
CA TYR B 236 7.08 -21.77 15.22
C TYR B 236 6.59 -21.09 13.94
N ALA B 237 5.96 -21.87 13.08
CA ALA B 237 5.39 -21.37 11.83
C ALA B 237 4.06 -22.04 11.58
N PHE B 238 3.26 -21.45 10.69
CA PHE B 238 1.94 -22.01 10.44
C PHE B 238 1.80 -22.56 9.03
N ALA B 239 1.38 -23.82 8.92
CA ALA B 239 1.16 -24.47 7.63
C ALA B 239 -0.32 -24.41 7.27
N LEU B 240 -0.65 -23.66 6.24
CA LEU B 240 -2.03 -23.42 5.87
C LEU B 240 -2.41 -24.09 4.56
N SER B 241 -3.56 -24.77 4.56
CA SER B 241 -4.10 -25.32 3.33
C SER B 241 -4.89 -24.24 2.59
N ARG B 242 -5.42 -23.29 3.36
CA ARG B 242 -6.15 -22.12 2.85
C ARG B 242 -7.49 -22.46 2.18
N GLY B 243 -7.45 -23.30 1.16
CA GLY B 243 -8.67 -23.69 0.45
C GLY B 243 -8.84 -22.90 -0.83
N PHE B 244 -10.08 -22.88 -1.35
CA PHE B 244 -10.37 -22.28 -2.64
C PHE B 244 -11.40 -21.16 -2.53
N GLY B 245 -11.47 -20.52 -1.37
CA GLY B 245 -12.45 -19.45 -1.14
C GLY B 245 -11.88 -18.07 -1.47
N SER B 246 -10.66 -18.05 -2.00
CA SER B 246 -9.98 -16.81 -2.32
C SER B 246 -8.93 -17.04 -3.40
N GLY B 247 -8.34 -15.94 -3.91
CA GLY B 247 -7.29 -16.03 -4.92
C GLY B 247 -5.91 -15.95 -4.29
N SER B 248 -5.19 -14.85 -4.55
CA SER B 248 -3.87 -14.68 -3.96
C SER B 248 -4.00 -14.39 -2.46
N GLY B 249 -5.14 -13.80 -2.09
CA GLY B 249 -5.41 -13.47 -0.70
C GLY B 249 -5.15 -12.00 -0.40
N SER B 250 -4.58 -11.28 -1.36
CA SER B 250 -4.34 -9.86 -1.15
C SER B 250 -5.70 -9.22 -0.86
N CYS B 251 -5.72 -8.23 0.05
CA CYS B 251 -6.98 -7.65 0.51
C CYS B 251 -7.73 -6.98 -0.64
N ILE B 252 -6.98 -6.47 -1.62
CA ILE B 252 -7.58 -5.85 -2.78
C ILE B 252 -8.37 -6.86 -3.61
N GLU B 253 -7.95 -8.12 -3.60
CA GLU B 253 -8.70 -9.14 -4.34
C GLU B 253 -9.92 -9.59 -3.55
N ASN B 254 -9.77 -9.71 -2.24
CA ASN B 254 -10.88 -10.16 -1.40
C ASN B 254 -12.05 -9.20 -1.50
N ILE B 255 -11.74 -7.91 -1.56
CA ILE B 255 -12.76 -6.89 -1.68
C ILE B 255 -13.38 -6.88 -3.06
N ASN B 256 -12.57 -7.12 -4.10
CA ASN B 256 -13.11 -7.18 -5.45
C ASN B 256 -14.06 -8.37 -5.59
N SER B 257 -13.76 -9.46 -4.88
CA SER B 257 -14.62 -10.63 -4.91
C SER B 257 -15.99 -10.30 -4.36
N LYS B 258 -16.03 -9.59 -3.23
CA LYS B 258 -17.31 -9.20 -2.65
C LYS B 258 -18.13 -8.33 -3.59
N ILE B 259 -17.47 -7.39 -4.25
CA ILE B 259 -18.16 -6.50 -5.17
C ILE B 259 -18.72 -7.28 -6.35
N TYR B 260 -17.92 -8.17 -6.91
CA TYR B 260 -18.35 -9.01 -8.00
C TYR B 260 -19.59 -9.81 -7.60
N HIS B 261 -19.54 -10.39 -6.42
CA HIS B 261 -20.64 -11.19 -5.89
C HIS B 261 -21.92 -10.36 -5.80
N ILE B 262 -21.79 -9.12 -5.32
CA ILE B 262 -22.93 -8.22 -5.27
C ILE B 262 -23.51 -7.95 -6.65
N GLU B 263 -22.64 -7.71 -7.62
CA GLU B 263 -23.12 -7.41 -8.97
C GLU B 263 -24.03 -8.52 -9.48
N ASP B 264 -23.67 -9.77 -9.18
CA ASP B 264 -24.50 -10.91 -9.60
C ASP B 264 -25.86 -10.90 -8.92
N LYS B 265 -25.90 -10.54 -7.64
CA LYS B 265 -27.16 -10.46 -6.93
C LYS B 265 -28.06 -9.40 -7.55
N ILE B 266 -27.46 -8.31 -8.01
CA ILE B 266 -28.21 -7.24 -8.62
C ILE B 266 -28.85 -7.68 -9.94
N GLU B 267 -28.09 -8.41 -10.75
CA GLU B 267 -28.68 -8.90 -11.99
C GLU B 267 -29.84 -9.85 -11.70
N GLU B 268 -29.71 -10.67 -10.67
CA GLU B 268 -30.79 -11.60 -10.33
C GLU B 268 -32.06 -10.87 -9.94
N ILE B 269 -31.94 -9.85 -9.09
CA ILE B 269 -33.14 -9.13 -8.66
C ILE B 269 -33.73 -8.35 -9.82
N ASN B 270 -32.88 -7.84 -10.72
CA ASN B 270 -33.40 -7.13 -11.89
C ASN B 270 -34.28 -8.04 -12.74
N ARG B 271 -33.89 -9.31 -12.86
CA ARG B 271 -34.70 -10.25 -13.61
C ARG B 271 -36.04 -10.48 -12.92
N LYS B 272 -36.03 -10.54 -11.60
CA LYS B 272 -37.27 -10.70 -10.84
C LYS B 272 -38.20 -9.52 -11.04
N ILE B 273 -37.63 -8.32 -11.16
CA ILE B 273 -38.45 -7.13 -11.39
C ILE B 273 -39.15 -7.21 -12.73
N GLU B 274 -38.43 -7.61 -13.78
CA GLU B 274 -39.05 -7.73 -15.09
C GLU B 274 -40.14 -8.79 -15.07
N HIS B 275 -39.88 -9.87 -14.34
CA HIS B 275 -40.85 -10.95 -14.22
C HIS B 275 -42.17 -10.47 -13.63
N ILE B 276 -42.09 -9.77 -12.50
CA ILE B 276 -43.30 -9.30 -11.84
C ILE B 276 -43.98 -8.18 -12.60
N LEU B 277 -43.22 -7.33 -13.29
CA LEU B 277 -43.85 -6.28 -14.07
C LEU B 277 -44.71 -6.89 -15.17
N SER B 278 -44.20 -7.93 -15.81
CA SER B 278 -44.96 -8.63 -16.83
C SER B 278 -46.24 -9.24 -16.28
N LYS B 279 -46.12 -9.91 -15.13
CA LYS B 279 -47.27 -10.55 -14.52
C LYS B 279 -48.31 -9.54 -14.04
N ILE B 280 -47.84 -8.41 -13.52
CA ILE B 280 -48.74 -7.36 -13.06
C ILE B 280 -49.52 -6.84 -14.25
N TYR B 281 -48.81 -6.72 -15.37
CA TYR B 281 -49.46 -6.28 -16.63
C TYR B 281 -50.57 -7.26 -16.96
N HIS B 282 -50.25 -8.55 -17.04
CA HIS B 282 -51.30 -9.51 -17.45
C HIS B 282 -52.47 -9.43 -16.46
N ILE B 283 -52.20 -9.41 -15.15
CA ILE B 283 -53.31 -9.45 -14.16
C ILE B 283 -54.15 -8.20 -14.34
N GLU B 284 -53.52 -7.08 -14.65
CA GLU B 284 -54.32 -5.86 -14.91
C GLU B 284 -55.27 -6.17 -16.06
N ARG B 285 -54.77 -6.75 -17.15
CA ARG B 285 -55.65 -6.97 -18.34
C ARG B 285 -56.96 -7.64 -17.89
N LYS B 286 -56.86 -8.70 -17.10
CA LYS B 286 -58.10 -9.43 -16.67
C LYS B 286 -58.99 -8.44 -15.91
N ILE B 287 -58.39 -7.57 -15.09
CA ILE B 287 -59.18 -6.59 -14.31
C ILE B 287 -59.93 -5.71 -15.31
N GLU B 288 -59.29 -5.38 -16.42
CA GLU B 288 -59.98 -4.60 -17.48
C GLU B 288 -61.14 -5.42 -18.03
N GLU B 289 -60.96 -6.72 -18.21
CA GLU B 289 -62.02 -7.57 -18.84
C GLU B 289 -63.13 -7.91 -17.85
N ILE B 290 -62.82 -8.46 -16.67
CA ILE B 290 -63.90 -8.71 -15.73
C ILE B 290 -64.81 -7.49 -15.63
N LEU B 291 -64.21 -6.31 -15.80
CA LEU B 291 -64.98 -5.08 -15.84
C LEU B 291 -65.78 -5.00 -17.14
N ASN B 292 -65.18 -5.44 -18.24
CA ASN B 292 -65.85 -5.41 -19.54
C ASN B 292 -67.08 -6.31 -19.55
N GLU B 293 -67.03 -7.39 -18.77
CA GLU B 293 -68.16 -8.31 -18.65
C GLU B 293 -69.38 -7.69 -17.98
N ILE B 294 -69.19 -6.58 -17.26
CA ILE B 294 -70.29 -5.90 -16.55
C ILE B 294 -70.36 -4.45 -17.02
N ALA C 32 -22.22 18.55 3.92
CA ALA C 32 -21.05 19.29 4.40
C ALA C 32 -19.79 18.86 3.61
N PRO C 33 -19.62 19.32 2.35
CA PRO C 33 -18.52 19.04 1.44
C PRO C 33 -17.30 19.94 1.66
N LEU C 34 -17.42 20.88 2.58
CA LEU C 34 -16.42 21.94 2.81
C LEU C 34 -16.42 22.98 1.69
N GLN C 35 -15.72 24.07 1.96
CA GLN C 35 -15.71 25.27 1.13
C GLN C 35 -14.56 25.26 0.13
N LEU C 36 -13.82 24.17 0.06
CA LEU C 36 -12.62 24.13 -0.78
C LEU C 36 -12.93 24.44 -2.23
N GLY C 37 -12.10 25.31 -2.81
CA GLY C 37 -12.24 25.73 -4.20
C GLY C 37 -11.19 25.06 -5.08
N ASN C 38 -10.38 25.87 -5.77
CA ASN C 38 -9.35 25.37 -6.67
C ASN C 38 -8.07 24.98 -5.91
N CYS C 39 -8.28 24.25 -4.81
CA CYS C 39 -7.23 23.79 -3.89
C CYS C 39 -7.26 22.28 -3.77
N SER C 40 -6.10 21.70 -3.44
CA SER C 40 -6.03 20.30 -3.08
C SER C 40 -6.14 20.15 -1.57
N VAL C 41 -6.31 18.92 -1.10
CA VAL C 41 -6.31 18.69 0.33
C VAL C 41 -4.96 19.08 0.91
N ALA C 42 -3.89 18.74 0.20
CA ALA C 42 -2.54 19.06 0.67
C ALA C 42 -2.37 20.56 0.82
N GLY C 43 -2.86 21.33 -0.15
CA GLY C 43 -2.74 22.78 -0.08
C GLY C 43 -3.47 23.30 1.16
N TRP C 44 -4.65 22.73 1.43
CA TRP C 44 -5.47 23.20 2.57
C TRP C 44 -4.78 22.90 3.90
N ILE C 45 -4.26 21.69 4.09
CA ILE C 45 -3.68 21.33 5.38
C ILE C 45 -2.22 21.80 5.54
N LEU C 46 -1.51 21.95 4.43
CA LEU C 46 -0.13 22.43 4.50
C LEU C 46 -0.10 23.94 4.69
N GLY C 47 -1.11 24.63 4.18
CA GLY C 47 -1.20 26.07 4.34
C GLY C 47 -0.74 26.83 3.10
N ASN C 48 -1.23 26.43 1.93
CA ASN C 48 -0.91 27.16 0.71
C ASN C 48 -1.45 28.58 0.80
N PRO C 49 -0.59 29.60 0.66
CA PRO C 49 -0.89 31.02 0.78
C PRO C 49 -2.10 31.45 -0.03
N GLU C 50 -2.38 30.76 -1.13
CA GLU C 50 -3.47 31.13 -2.03
C GLU C 50 -4.83 30.50 -1.68
N CYS C 51 -4.89 29.67 -0.63
CA CYS C 51 -6.12 29.00 -0.21
C CYS C 51 -6.71 29.68 1.02
N GLU C 52 -7.72 30.53 0.80
CA GLU C 52 -8.33 31.28 1.90
C GLU C 52 -9.35 30.40 2.62
N LEU C 53 -8.84 29.33 3.22
CA LEU C 53 -9.68 28.33 3.88
C LEU C 53 -9.59 28.46 5.39
N LEU C 54 -8.83 29.43 5.87
CA LEU C 54 -8.62 29.61 7.30
C LEU C 54 -9.76 30.38 7.92
N ILE C 55 -10.91 29.73 7.99
CA ILE C 55 -12.13 30.33 8.50
C ILE C 55 -12.71 29.47 9.62
N SER C 56 -13.75 29.97 10.27
CA SER C 56 -14.37 29.23 11.36
C SER C 56 -15.25 28.09 10.85
N LYS C 57 -14.60 27.12 10.24
CA LYS C 57 -15.28 25.93 9.71
C LYS C 57 -14.83 24.70 10.49
N GLU C 58 -15.78 23.94 11.00
CA GLU C 58 -15.45 22.79 11.84
C GLU C 58 -15.62 21.45 11.12
N SER C 59 -16.69 20.74 11.46
CA SER C 59 -16.88 19.37 10.99
C SER C 59 -17.31 19.29 9.53
N TRP C 60 -17.17 18.09 8.96
CA TRP C 60 -17.63 17.83 7.60
C TRP C 60 -17.92 16.35 7.39
N SER C 61 -18.62 16.04 6.30
CA SER C 61 -18.93 14.66 5.95
C SER C 61 -18.25 14.13 4.69
N TYR C 62 -17.66 15.04 3.92
CA TYR C 62 -16.90 14.73 2.73
C TYR C 62 -16.04 15.90 2.34
N ILE C 63 -14.90 15.66 1.71
CA ILE C 63 -14.05 16.75 1.26
C ILE C 63 -14.04 16.92 -0.25
N VAL C 64 -14.43 18.11 -0.71
CA VAL C 64 -14.39 18.41 -2.12
C VAL C 64 -13.07 19.08 -2.46
N GLU C 65 -12.46 18.68 -3.57
CA GLU C 65 -11.20 19.27 -4.01
C GLU C 65 -11.14 19.27 -5.53
N THR C 66 -10.30 20.13 -6.08
CA THR C 66 -10.12 20.21 -7.52
C THR C 66 -9.01 19.26 -8.00
N PRO C 67 -9.32 18.30 -8.89
CA PRO C 67 -8.43 17.31 -9.46
C PRO C 67 -7.17 17.92 -10.07
N ASN C 68 -7.30 19.12 -10.62
CA ASN C 68 -6.18 19.84 -11.22
C ASN C 68 -6.14 21.28 -10.71
N PRO C 69 -5.73 21.46 -9.45
CA PRO C 69 -5.81 22.68 -8.66
C PRO C 69 -4.76 23.68 -9.10
N GLU C 70 -4.98 24.94 -8.76
CA GLU C 70 -3.96 25.97 -8.98
C GLU C 70 -3.29 26.35 -7.67
N ASN C 71 -4.02 26.17 -6.57
CA ASN C 71 -3.55 26.56 -5.25
C ASN C 71 -3.23 25.34 -4.39
N GLY C 72 -2.96 24.22 -5.04
CA GLY C 72 -2.64 22.98 -4.34
C GLY C 72 -1.17 22.93 -3.97
N THR C 73 -0.34 22.51 -4.92
CA THR C 73 1.10 22.47 -4.71
C THR C 73 1.67 23.88 -4.66
N CYS C 74 2.48 24.17 -3.63
CA CYS C 74 3.14 25.45 -3.46
C CYS C 74 4.61 25.32 -3.85
N PHE C 75 5.23 24.29 -3.30
CA PHE C 75 6.61 23.92 -3.61
C PHE C 75 6.62 22.43 -3.97
N PRO C 76 7.15 22.06 -5.14
CA PRO C 76 7.05 20.75 -5.75
C PRO C 76 7.71 19.67 -4.91
N GLY C 77 7.10 18.49 -4.90
CA GLY C 77 7.61 17.36 -4.15
C GLY C 77 6.56 16.26 -4.05
N TYR C 78 6.93 15.15 -3.43
CA TYR C 78 6.02 14.02 -3.27
C TYR C 78 5.36 14.04 -1.90
N PHE C 79 4.05 13.85 -1.88
CA PHE C 79 3.31 13.79 -0.62
C PHE C 79 3.03 12.34 -0.28
N ALA C 80 3.64 11.85 0.80
CA ALA C 80 3.52 10.44 1.15
C ALA C 80 2.12 10.11 1.63
N ASP C 81 1.62 8.95 1.18
CA ASP C 81 0.34 8.44 1.62
C ASP C 81 -0.77 9.48 1.48
N TYR C 82 -0.75 10.22 0.38
CA TYR C 82 -1.75 11.26 0.16
C TYR C 82 -3.14 10.68 0.11
N GLU C 83 -3.29 9.57 -0.61
CA GLU C 83 -4.59 8.95 -0.77
C GLU C 83 -5.16 8.51 0.57
N GLU C 84 -4.31 7.98 1.43
CA GLU C 84 -4.78 7.53 2.74
C GLU C 84 -5.18 8.71 3.61
N LEU C 85 -4.45 9.82 3.49
CA LEU C 85 -4.76 10.97 4.33
C LEU C 85 -6.07 11.63 3.92
N ARG C 86 -6.27 11.80 2.62
CA ARG C 86 -7.52 12.42 2.15
C ARG C 86 -8.73 11.51 2.40
N CYS C 87 -8.52 10.19 2.36
CA CYS C 87 -9.57 9.21 2.62
C CYS C 87 -9.88 9.16 4.11
N GLN C 88 -8.84 9.11 4.94
CA GLN C 88 -9.00 9.03 6.39
C GLN C 88 -9.68 10.27 6.96
N LEU C 89 -9.43 11.42 6.35
CA LEU C 89 -10.03 12.67 6.80
C LEU C 89 -11.42 12.92 6.23
N SER C 90 -11.96 11.95 5.50
CA SER C 90 -13.25 12.15 4.84
C SER C 90 -14.36 12.47 5.84
N SER C 91 -14.25 11.95 7.04
CA SER C 91 -15.27 12.20 8.06
C SER C 91 -14.61 12.72 9.35
N VAL C 92 -14.90 13.97 9.68
CA VAL C 92 -14.28 14.60 10.83
C VAL C 92 -15.27 15.43 11.64
N SER C 93 -15.12 15.38 12.96
CA SER C 93 -15.90 16.20 13.87
C SER C 93 -15.17 17.51 14.12
N SER C 94 -14.95 17.86 15.39
CA SER C 94 -14.24 19.09 15.69
C SER C 94 -12.87 19.08 15.02
N PHE C 95 -12.50 20.22 14.44
CA PHE C 95 -11.25 20.36 13.69
C PHE C 95 -10.50 21.64 14.10
N GLU C 96 -9.58 21.52 15.03
CA GLU C 96 -8.87 22.68 15.57
C GLU C 96 -7.44 22.80 15.05
N ARG C 97 -7.11 23.97 14.53
CA ARG C 97 -5.73 24.25 14.12
C ARG C 97 -5.02 24.97 15.26
N PHE C 98 -3.89 24.43 15.70
CA PHE C 98 -3.20 25.00 16.85
C PHE C 98 -1.69 24.90 16.68
N GLU C 99 -0.95 25.70 17.44
CA GLU C 99 0.50 25.64 17.38
C GLU C 99 1.04 24.43 18.14
N ILE C 100 1.97 23.73 17.52
CA ILE C 100 2.65 22.61 18.16
C ILE C 100 4.08 23.00 18.53
N PHE C 101 4.75 23.70 17.62
CA PHE C 101 6.10 24.19 17.88
C PHE C 101 6.24 25.66 17.46
N PRO C 102 5.82 26.59 18.32
CA PRO C 102 5.71 28.01 18.06
C PRO C 102 7.00 28.58 17.45
N LYS C 103 6.83 29.34 16.37
CA LYS C 103 7.94 29.87 15.59
C LYS C 103 8.97 30.64 16.41
N GLU C 104 8.49 31.44 17.35
CA GLU C 104 9.35 32.36 18.09
C GLU C 104 10.17 31.71 19.21
N SER C 105 9.77 30.53 19.68
CA SER C 105 10.43 29.98 20.86
C SER C 105 11.00 28.57 20.66
N SER C 106 10.54 27.87 19.64
CA SER C 106 10.91 26.47 19.48
C SER C 106 12.32 26.27 18.93
N TRP C 107 12.83 27.25 18.18
CA TRP C 107 14.18 27.13 17.62
C TRP C 107 14.98 28.43 17.77
N PRO C 108 15.42 28.73 19.00
CA PRO C 108 16.00 30.00 19.43
C PRO C 108 17.18 30.49 18.59
N ASN C 109 18.01 29.58 18.07
CA ASN C 109 19.20 29.95 17.29
C ASN C 109 19.20 29.34 15.89
N HIS C 110 18.01 29.15 15.30
CA HIS C 110 17.87 28.68 13.92
C HIS C 110 17.27 29.78 13.06
N THR C 111 17.51 29.71 11.76
CA THR C 111 16.91 30.64 10.82
C THR C 111 15.52 30.16 10.45
N VAL C 112 14.53 31.03 10.62
CA VAL C 112 13.15 30.66 10.32
C VAL C 112 12.59 31.40 9.11
N THR C 113 13.45 32.16 8.44
CA THR C 113 13.04 32.92 7.26
C THR C 113 13.12 32.05 6.01
N GLY C 114 12.56 30.86 6.10
CA GLY C 114 12.61 29.88 5.02
C GLY C 114 11.57 30.16 3.97
N VAL C 115 11.86 31.11 3.08
CA VAL C 115 10.89 31.50 2.06
C VAL C 115 11.48 31.42 0.65
N SER C 116 10.61 31.34 -0.34
CA SER C 116 11.05 31.27 -1.74
C SER C 116 9.99 31.78 -2.71
N ALA C 117 10.40 31.99 -3.95
CA ALA C 117 9.51 32.46 -5.01
C ALA C 117 8.37 31.49 -5.27
N SER C 118 8.61 30.21 -5.00
CA SER C 118 7.62 29.16 -5.26
C SER C 118 6.27 29.44 -4.62
N CYS C 119 6.29 30.05 -3.43
CA CYS C 119 5.10 30.33 -2.65
C CYS C 119 4.83 31.82 -2.57
N SER C 120 5.37 32.57 -3.53
CA SER C 120 5.20 34.00 -3.55
C SER C 120 3.72 34.37 -3.44
N HIS C 121 3.43 35.31 -2.53
CA HIS C 121 2.07 35.75 -2.29
C HIS C 121 2.00 37.26 -2.31
N ASN C 122 1.24 37.81 -3.25
CA ASN C 122 1.14 39.25 -3.43
C ASN C 122 2.51 39.88 -3.69
N GLY C 123 3.36 39.16 -4.41
CA GLY C 123 4.67 39.67 -4.79
C GLY C 123 5.77 39.39 -3.76
N LYS C 124 5.41 38.86 -2.61
CA LYS C 124 6.40 38.61 -1.57
C LYS C 124 6.73 37.13 -1.42
N SER C 125 8.01 36.82 -1.30
CA SER C 125 8.44 35.44 -1.11
C SER C 125 7.83 34.89 0.18
N SER C 126 7.46 33.61 0.16
CA SER C 126 6.82 33.01 1.32
C SER C 126 6.98 31.50 1.34
N PHE C 127 6.15 30.85 2.14
CA PHE C 127 6.17 29.39 2.27
C PHE C 127 4.84 28.89 2.82
N TYR C 128 4.71 27.59 2.97
CA TYR C 128 3.51 27.02 3.57
C TYR C 128 3.31 27.58 4.97
N ARG C 129 2.09 28.02 5.27
CA ARG C 129 1.81 28.65 6.56
C ARG C 129 2.00 27.74 7.75
N ASN C 130 1.74 26.45 7.59
CA ASN C 130 1.80 25.55 8.74
C ASN C 130 3.16 24.90 8.91
N LEU C 131 4.11 25.26 8.06
CA LEU C 131 5.45 24.68 8.08
C LEU C 131 6.54 25.74 8.21
N LEU C 132 7.67 25.36 8.79
CA LEU C 132 8.83 26.24 8.85
C LEU C 132 10.08 25.57 8.31
N TRP C 133 10.63 26.14 7.25
CA TRP C 133 11.84 25.63 6.65
C TRP C 133 13.05 26.22 7.34
N LEU C 134 13.77 25.38 8.07
CA LEU C 134 14.86 25.89 8.90
C LEU C 134 16.19 25.81 8.18
N THR C 135 17.01 26.85 8.35
CA THR C 135 18.36 26.90 7.82
C THR C 135 19.32 27.44 8.87
N GLY C 136 20.62 27.45 8.57
CA GLY C 136 21.60 27.94 9.53
C GLY C 136 21.82 29.45 9.44
N LYS C 137 22.69 29.95 10.32
CA LYS C 137 23.09 31.35 10.34
C LYS C 137 24.31 31.55 11.24
N ASN C 138 25.09 32.57 10.93
CA ASN C 138 26.23 33.01 11.74
C ASN C 138 27.35 31.97 11.76
N GLY C 139 27.09 30.84 12.40
CA GLY C 139 28.03 29.74 12.48
C GLY C 139 27.52 28.55 11.68
N LEU C 140 27.67 27.37 12.24
CA LEU C 140 27.24 26.15 11.57
C LEU C 140 25.84 25.78 12.04
N TYR C 141 24.97 25.38 11.12
CA TYR C 141 23.64 24.93 11.48
C TYR C 141 23.72 23.87 12.58
N PRO C 142 23.20 24.16 13.78
CA PRO C 142 23.19 23.28 14.94
C PRO C 142 22.15 22.19 14.75
N ASN C 143 22.29 21.10 15.50
CA ASN C 143 21.28 20.04 15.49
C ASN C 143 20.24 20.29 16.56
N LEU C 144 19.00 19.86 16.30
CA LEU C 144 17.87 20.08 17.20
C LEU C 144 17.23 18.78 17.65
N SER C 145 16.60 18.82 18.82
CA SER C 145 15.78 17.73 19.31
C SER C 145 14.58 18.29 20.06
N LYS C 146 13.40 18.14 19.46
CA LYS C 146 12.18 18.71 20.01
C LYS C 146 11.09 17.65 20.16
N SER C 147 10.20 17.83 21.12
CA SER C 147 9.13 16.85 21.31
C SER C 147 7.81 17.50 21.72
N TYR C 148 6.72 16.77 21.51
CA TYR C 148 5.39 17.21 21.88
C TYR C 148 4.56 16.08 22.47
N VAL C 149 3.84 16.39 23.53
CA VAL C 149 2.95 15.41 24.17
C VAL C 149 1.50 15.78 23.93
N ASN C 150 0.72 14.80 23.49
CA ASN C 150 -0.68 15.04 23.15
C ASN C 150 -1.58 15.07 24.38
N ASN C 151 -1.98 16.28 24.76
CA ASN C 151 -2.85 16.47 25.92
C ASN C 151 -4.14 17.17 25.52
N LYS C 152 -4.54 16.98 24.26
CA LYS C 152 -5.72 17.65 23.72
C LYS C 152 -6.99 16.82 23.88
N GLU C 153 -6.83 15.56 24.27
CA GLU C 153 -7.93 14.61 24.33
C GLU C 153 -8.54 14.42 22.93
N LYS C 154 -7.71 14.67 21.93
CA LYS C 154 -8.06 14.52 20.53
C LYS C 154 -6.90 13.87 19.81
N GLU C 155 -7.14 13.35 18.62
CA GLU C 155 -6.03 12.81 17.83
C GLU C 155 -5.34 13.97 17.11
N VAL C 156 -4.02 13.93 17.04
CA VAL C 156 -3.31 15.05 16.45
C VAL C 156 -2.59 14.68 15.17
N LEU C 157 -2.85 15.44 14.11
CA LEU C 157 -2.20 15.26 12.83
C LEU C 157 -1.01 16.20 12.70
N VAL C 158 0.18 15.62 12.56
CA VAL C 158 1.40 16.41 12.48
C VAL C 158 2.02 16.28 11.09
N LEU C 159 2.24 17.41 10.44
CA LEU C 159 2.81 17.42 9.10
C LEU C 159 4.22 17.99 9.14
N TRP C 160 5.12 17.37 8.38
CA TRP C 160 6.48 17.91 8.25
C TRP C 160 7.06 17.47 6.92
N GLY C 161 8.20 18.02 6.56
CA GLY C 161 8.81 17.63 5.29
C GLY C 161 10.32 17.44 5.36
N VAL C 162 10.89 17.01 4.24
CA VAL C 162 12.32 16.78 4.11
C VAL C 162 12.86 17.51 2.88
N HIS C 163 13.92 18.27 3.07
CA HIS C 163 14.50 19.05 1.98
C HIS C 163 15.43 18.19 1.13
N HIS C 164 15.34 18.35 -0.19
CA HIS C 164 16.20 17.63 -1.14
C HIS C 164 16.84 18.59 -2.14
N PRO C 165 18.04 19.11 -1.84
CA PRO C 165 18.78 20.07 -2.63
C PRO C 165 19.08 19.52 -4.02
N PRO C 166 19.14 20.40 -5.03
CA PRO C 166 19.51 20.11 -6.40
C PRO C 166 21.01 19.91 -6.58
N ASN C 167 21.78 20.35 -5.58
CA ASN C 167 23.23 20.32 -5.68
C ASN C 167 23.88 20.29 -4.30
N ILE C 168 25.03 19.65 -4.22
CA ILE C 168 25.79 19.58 -2.97
C ILE C 168 26.18 20.97 -2.50
N GLY C 169 26.33 21.91 -3.43
CA GLY C 169 26.69 23.27 -3.10
C GLY C 169 25.64 23.93 -2.21
N ASN C 170 24.37 23.59 -2.43
CA ASN C 170 23.30 24.17 -1.62
C ASN C 170 23.16 23.44 -0.31
N GLN C 171 23.47 22.15 -0.31
CA GLN C 171 23.45 21.38 0.92
C GLN C 171 24.44 21.99 1.91
N ARG C 172 25.59 22.42 1.40
CA ARG C 172 26.57 23.09 2.22
C ARG C 172 26.14 24.51 2.58
N ALA C 173 25.64 25.26 1.60
CA ALA C 173 25.27 26.65 1.83
C ALA C 173 24.17 26.79 2.88
N LEU C 174 23.23 25.86 2.89
CA LEU C 174 22.08 25.93 3.79
C LEU C 174 22.35 25.34 5.17
N TYR C 175 23.02 24.20 5.22
CA TYR C 175 23.17 23.47 6.48
C TYR C 175 24.62 23.23 6.86
N HIS C 176 25.54 23.78 6.08
CA HIS C 176 26.97 23.65 6.34
C HIS C 176 27.39 22.19 6.48
N THR C 177 26.85 21.34 5.63
CA THR C 177 27.22 19.92 5.68
C THR C 177 27.09 19.27 4.32
N GLU C 178 27.79 18.17 4.14
CA GLU C 178 27.63 17.34 2.95
C GLU C 178 26.82 16.09 3.27
N ASN C 179 26.39 15.99 4.53
CA ASN C 179 25.64 14.82 5.01
C ASN C 179 24.70 15.20 6.15
N ALA C 180 23.44 14.80 6.01
CA ALA C 180 22.44 15.09 7.04
C ALA C 180 21.36 14.02 7.04
N TYR C 181 20.68 13.88 8.17
CA TYR C 181 19.57 12.95 8.30
C TYR C 181 18.43 13.56 9.10
N VAL C 182 17.24 13.01 8.90
CA VAL C 182 16.09 13.38 9.72
C VAL C 182 15.48 12.13 10.37
N LEU C 183 15.38 12.15 11.69
CA LEU C 183 14.83 11.02 12.43
C LEU C 183 13.52 11.41 13.10
N VAL C 184 12.47 10.65 12.82
CA VAL C 184 11.20 10.91 13.46
C VAL C 184 10.67 9.66 14.14
N VAL C 185 10.41 9.77 15.43
CA VAL C 185 9.84 8.65 16.16
C VAL C 185 8.65 9.11 16.98
N SER C 186 7.78 8.17 17.31
CA SER C 186 6.67 8.46 18.18
C SER C 186 6.26 7.18 18.89
N SER C 187 5.29 7.29 19.79
CA SER C 187 4.82 6.13 20.52
C SER C 187 4.75 4.90 19.64
N HIS C 188 4.20 5.06 18.43
CA HIS C 188 4.04 3.94 17.52
C HIS C 188 4.50 4.27 16.10
N TYR C 189 5.69 4.85 15.97
CA TYR C 189 6.21 5.21 14.65
C TYR C 189 7.73 5.29 14.65
N ASP C 190 8.35 4.69 13.63
CA ASP C 190 9.81 4.73 13.49
C ASP C 190 10.22 4.90 12.02
N ARG C 191 10.77 6.07 11.69
CA ARG C 191 11.22 6.30 10.32
C ARG C 191 12.44 7.21 10.24
N VAL C 192 13.36 6.88 9.35
CA VAL C 192 14.52 7.72 9.08
C VAL C 192 14.52 8.16 7.63
N PHE C 193 14.75 9.45 7.42
CA PHE C 193 14.80 10.00 6.08
C PHE C 193 16.21 10.45 5.75
N THR C 194 16.59 10.29 4.48
CA THR C 194 17.85 10.81 4.00
C THR C 194 17.59 11.61 2.74
N PRO C 195 18.39 12.64 2.47
CA PRO C 195 18.33 13.47 1.30
C PRO C 195 18.86 12.74 0.07
N ILE C 196 18.26 13.04 -1.08
CA ILE C 196 18.80 12.63 -2.37
C ILE C 196 19.18 13.87 -3.15
N ILE C 197 20.47 14.07 -3.34
CA ILE C 197 20.93 15.29 -3.99
C ILE C 197 21.14 15.06 -5.47
N ALA C 198 20.33 15.73 -6.28
CA ALA C 198 20.35 15.57 -7.72
C ALA C 198 19.59 16.69 -8.39
N LYS C 199 19.96 17.01 -9.62
CA LYS C 199 19.20 17.98 -10.39
C LYS C 199 17.98 17.33 -11.00
N ARG C 200 16.80 17.85 -10.67
CA ARG C 200 15.55 17.31 -11.19
C ARG C 200 15.09 18.16 -12.37
N PRO C 201 14.14 17.68 -13.16
CA PRO C 201 13.41 18.43 -14.17
C PRO C 201 12.81 19.66 -13.52
N LYS C 202 12.82 20.78 -14.24
CA LYS C 202 12.33 22.02 -13.65
C LYS C 202 10.82 22.03 -13.48
N VAL C 203 10.38 22.16 -12.24
CA VAL C 203 8.97 22.21 -11.90
C VAL C 203 8.69 23.42 -11.02
N ARG C 204 7.77 24.28 -11.44
CA ARG C 204 7.51 25.51 -10.70
C ARG C 204 8.80 26.29 -10.47
N ASP C 205 9.65 26.29 -11.50
CA ASP C 205 10.94 26.99 -11.51
C ASP C 205 11.96 26.42 -10.51
N GLN C 206 11.66 25.29 -9.90
CA GLN C 206 12.59 24.69 -8.94
C GLN C 206 13.35 23.51 -9.53
N GLU C 207 14.58 23.34 -9.06
CA GLU C 207 15.39 22.18 -9.42
C GLU C 207 15.42 21.16 -8.28
N GLY C 208 15.10 21.62 -7.07
CA GLY C 208 15.09 20.74 -5.90
C GLY C 208 13.67 20.34 -5.53
N ARG C 209 13.52 19.55 -4.47
CA ARG C 209 12.20 19.10 -4.04
C ARG C 209 12.05 19.08 -2.52
N ILE C 210 10.81 19.19 -2.04
CA ILE C 210 10.50 18.95 -0.64
C ILE C 210 9.41 17.90 -0.49
N ASN C 211 9.74 16.81 0.18
CA ASN C 211 8.77 15.74 0.37
C ASN C 211 8.02 15.93 1.67
N TYR C 212 6.79 15.42 1.74
CA TYR C 212 5.98 15.61 2.94
C TYR C 212 5.55 14.29 3.55
N TYR C 213 5.58 14.24 4.87
CA TYR C 213 5.22 13.06 5.63
C TYR C 213 4.32 13.43 6.80
N TRP C 214 3.54 12.48 7.29
CA TRP C 214 2.64 12.79 8.39
C TRP C 214 2.34 11.59 9.28
N THR C 215 2.03 11.87 10.53
CA THR C 215 1.62 10.85 11.49
C THR C 215 0.44 11.31 12.33
N LEU C 216 -0.21 10.36 12.98
CA LEU C 216 -1.27 10.68 13.93
C LEU C 216 -0.87 10.27 15.34
N LEU C 217 -1.19 11.13 16.31
CA LEU C 217 -0.94 10.83 17.70
C LEU C 217 -2.25 10.65 18.45
N GLU C 218 -2.29 9.69 19.36
CA GLU C 218 -3.44 9.52 20.23
C GLU C 218 -3.17 10.30 21.52
N PRO C 219 -4.21 10.67 22.28
CA PRO C 219 -4.10 11.28 23.58
C PRO C 219 -3.17 10.46 24.45
N GLY C 220 -2.18 11.13 25.04
CA GLY C 220 -1.20 10.46 25.88
C GLY C 220 0.09 10.11 25.14
N ASP C 221 0.07 10.18 23.81
CA ASP C 221 1.27 9.83 23.04
C ASP C 221 2.27 10.98 22.97
N THR C 222 3.42 10.70 22.37
CA THR C 222 4.46 11.69 22.20
C THR C 222 5.14 11.53 20.84
N ILE C 223 5.56 12.65 20.25
CA ILE C 223 6.33 12.64 19.02
C ILE C 223 7.66 13.36 19.22
N ILE C 224 8.74 12.79 18.70
CA ILE C 224 10.07 13.38 18.82
C ILE C 224 10.73 13.60 17.47
N PHE C 225 11.18 14.83 17.25
CA PHE C 225 11.88 15.19 16.02
C PHE C 225 13.36 15.46 16.26
N GLU C 226 14.21 14.71 15.59
CA GLU C 226 15.66 14.90 15.67
C GLU C 226 16.24 15.10 14.29
N ALA C 227 17.02 16.16 14.11
CA ALA C 227 17.59 16.41 12.80
C ALA C 227 18.87 17.23 12.88
N ASN C 228 19.75 17.01 11.91
CA ASN C 228 20.95 17.82 11.77
C ASN C 228 21.00 18.49 10.41
N GLY C 229 19.84 18.67 9.80
CA GLY C 229 19.75 19.35 8.51
C GLY C 229 18.60 18.83 7.67
N ASN C 230 18.20 19.63 6.68
CA ASN C 230 17.15 19.29 5.74
C ASN C 230 15.80 19.01 6.39
N LEU C 231 15.49 19.72 7.46
CA LEU C 231 14.19 19.54 8.10
C LEU C 231 13.24 20.69 7.82
N ILE C 232 12.07 20.36 7.31
CA ILE C 232 10.99 21.33 7.20
C ILE C 232 10.10 21.12 8.40
N ALA C 233 10.32 21.92 9.43
CA ALA C 233 9.75 21.66 10.74
C ALA C 233 8.25 21.91 10.74
N PRO C 234 7.50 21.17 11.55
CA PRO C 234 6.11 21.38 11.85
C PRO C 234 5.98 22.65 12.68
N TRP C 235 4.95 23.43 12.40
CA TRP C 235 4.65 24.62 13.19
C TRP C 235 3.25 24.50 13.76
N TYR C 236 2.29 24.26 12.88
CA TYR C 236 0.91 24.04 13.29
C TYR C 236 0.53 22.58 13.14
N ALA C 237 -0.44 22.15 13.93
CA ALA C 237 -0.96 20.78 13.89
C ALA C 237 -2.46 20.80 14.05
N PHE C 238 -3.11 19.71 13.69
CA PHE C 238 -4.57 19.68 13.77
C PHE C 238 -5.07 18.67 14.80
N ALA C 239 -5.91 19.16 15.72
CA ALA C 239 -6.51 18.31 16.74
C ALA C 239 -7.91 17.90 16.31
N LEU C 240 -8.08 16.61 16.06
CA LEU C 240 -9.33 16.09 15.53
C LEU C 240 -10.10 15.24 16.51
N SER C 241 -11.39 15.51 16.65
CA SER C 241 -12.25 14.65 17.45
C SER C 241 -12.69 13.44 16.62
N ARG C 242 -12.76 13.64 15.31
CA ARG C 242 -13.09 12.60 14.33
C ARG C 242 -14.54 12.10 14.42
N GLY C 243 -14.93 11.60 15.58
CA GLY C 243 -16.29 11.10 15.76
C GLY C 243 -16.34 9.58 15.63
N PHE C 244 -17.54 9.06 15.39
CA PHE C 244 -17.77 7.62 15.39
C PHE C 244 -18.33 7.13 14.05
N GLY C 245 -18.01 7.85 12.98
CA GLY C 245 -18.51 7.49 11.66
C GLY C 245 -17.54 6.58 10.91
N SER C 246 -16.47 6.17 11.58
CA SER C 246 -15.45 5.33 10.97
C SER C 246 -14.69 4.54 12.03
N GLY C 247 -13.84 3.63 11.59
CA GLY C 247 -13.03 2.83 12.52
C GLY C 247 -11.64 3.42 12.67
N SER C 248 -10.62 2.72 12.17
CA SER C 248 -9.25 3.23 12.26
C SER C 248 -9.08 4.40 11.28
N GLY C 249 -9.87 4.38 10.22
CA GLY C 249 -9.83 5.43 9.22
C GLY C 249 -9.04 5.04 7.99
N SER C 250 -8.38 3.88 8.05
CA SER C 250 -7.64 3.40 6.90
C SER C 250 -8.63 3.28 5.74
N CYS C 251 -8.18 3.62 4.52
CA CYS C 251 -9.09 3.68 3.38
C CYS C 251 -9.70 2.30 3.08
N ILE C 252 -8.95 1.25 3.39
CA ILE C 252 -9.45 -0.11 3.19
C ILE C 252 -10.64 -0.40 4.10
N GLU C 253 -10.70 0.23 5.27
CA GLU C 253 -11.83 0.02 6.16
C GLU C 253 -13.02 0.85 5.71
N ASN C 254 -12.76 2.08 5.26
CA ASN C 254 -13.84 2.96 4.84
C ASN C 254 -14.59 2.35 3.67
N ILE C 255 -13.86 1.71 2.77
CA ILE C 255 -14.47 1.09 1.61
C ILE C 255 -15.23 -0.18 2.01
N ASN C 256 -14.70 -0.94 2.97
CA ASN C 256 -15.39 -2.12 3.45
C ASN C 256 -16.70 -1.74 4.12
N SER C 257 -16.71 -0.59 4.78
CA SER C 257 -17.92 -0.10 5.43
C SER C 257 -19.01 0.15 4.40
N LYS C 258 -18.66 0.80 3.30
CA LYS C 258 -19.62 1.07 2.24
C LYS C 258 -20.20 -0.22 1.66
N ILE C 259 -19.34 -1.21 1.44
CA ILE C 259 -19.80 -2.48 0.89
C ILE C 259 -20.74 -3.18 1.85
N TYR C 260 -20.38 -3.21 3.13
CA TYR C 260 -21.22 -3.80 4.15
C TYR C 260 -22.60 -3.14 4.15
N HIS C 261 -22.60 -1.82 4.10
CA HIS C 261 -23.83 -1.03 4.10
C HIS C 261 -24.72 -1.41 2.91
N ILE C 262 -24.10 -1.57 1.74
CA ILE C 262 -24.84 -2.01 0.56
C ILE C 262 -25.46 -3.39 0.76
N GLU C 263 -24.70 -4.31 1.32
CA GLU C 263 -25.21 -5.66 1.52
C GLU C 263 -26.50 -5.63 2.33
N ASP C 264 -26.58 -4.76 3.33
CA ASP C 264 -27.78 -4.65 4.14
C ASP C 264 -28.96 -4.13 3.32
N LYS C 265 -28.71 -3.17 2.43
CA LYS C 265 -29.77 -2.65 1.57
C LYS C 265 -30.31 -3.75 0.66
N ILE C 266 -29.43 -4.62 0.21
CA ILE C 266 -29.83 -5.72 -0.65
C ILE C 266 -30.74 -6.70 0.07
N GLU C 267 -30.41 -7.04 1.31
CA GLU C 267 -31.28 -7.92 2.06
C GLU C 267 -32.65 -7.29 2.25
N GLU C 268 -32.69 -5.98 2.51
CA GLU C 268 -33.97 -5.30 2.70
C GLU C 268 -34.84 -5.37 1.46
N ILE C 269 -34.26 -5.10 0.29
CA ILE C 269 -35.06 -5.13 -0.93
C ILE C 269 -35.48 -6.55 -1.25
N ASN C 270 -34.64 -7.53 -0.94
CA ASN C 270 -35.02 -8.92 -1.17
C ASN C 270 -36.26 -9.29 -0.38
N ARG C 271 -36.37 -8.77 0.84
CA ARG C 271 -37.55 -9.04 1.66
C ARG C 271 -38.78 -8.40 1.03
N LYS C 272 -38.62 -7.20 0.48
CA LYS C 272 -39.73 -6.53 -0.19
C LYS C 272 -40.20 -7.31 -1.40
N ILE C 273 -39.27 -7.95 -2.11
CA ILE C 273 -39.64 -8.76 -3.26
C ILE C 273 -40.49 -9.94 -2.85
N GLU C 274 -40.10 -10.64 -1.79
CA GLU C 274 -40.89 -11.77 -1.32
C GLU C 274 -42.27 -11.31 -0.87
N HIS C 275 -42.32 -10.14 -0.24
CA HIS C 275 -43.58 -9.58 0.23
C HIS C 275 -44.56 -9.36 -0.92
N ILE C 276 -44.09 -8.69 -1.97
CA ILE C 276 -44.97 -8.39 -3.10
C ILE C 276 -45.30 -9.63 -3.92
N LEU C 277 -44.38 -10.59 -3.99
CA LEU C 277 -44.69 -11.81 -4.73
C LEU C 277 -45.85 -12.54 -4.07
N SER C 278 -45.83 -12.59 -2.74
CA SER C 278 -46.92 -13.20 -1.99
C SER C 278 -48.24 -12.49 -2.21
N LYS C 279 -48.22 -11.16 -2.15
CA LYS C 279 -49.43 -10.39 -2.33
C LYS C 279 -49.98 -10.50 -3.75
N ILE C 280 -49.08 -10.55 -4.74
CA ILE C 280 -49.48 -10.68 -6.14
C ILE C 280 -50.18 -12.01 -6.30
N TYR C 281 -49.63 -13.02 -5.62
CA TYR C 281 -50.23 -14.36 -5.64
C TYR C 281 -51.66 -14.26 -5.12
N HIS C 282 -51.83 -13.71 -3.92
CA HIS C 282 -53.18 -13.67 -3.34
C HIS C 282 -54.11 -12.90 -4.29
N ILE C 283 -53.69 -11.74 -4.80
CA ILE C 283 -54.60 -10.91 -5.63
C ILE C 283 -54.96 -11.71 -6.88
N GLU C 284 -54.01 -12.47 -7.42
CA GLU C 284 -54.38 -13.32 -8.57
C GLU C 284 -55.52 -14.24 -8.15
N ARG C 285 -55.40 -14.91 -6.99
CA ARG C 285 -56.44 -15.89 -6.60
C ARG C 285 -57.83 -15.26 -6.75
N LYS C 286 -58.02 -14.04 -6.22
CA LYS C 286 -59.35 -13.40 -6.28
C LYS C 286 -59.74 -13.24 -7.75
N ILE C 287 -58.78 -12.90 -8.61
CA ILE C 287 -59.06 -12.72 -10.06
C ILE C 287 -59.58 -14.05 -10.59
N GLU C 288 -59.01 -15.15 -10.11
CA GLU C 288 -59.51 -16.49 -10.52
C GLU C 288 -60.95 -16.65 -10.03
N GLU C 289 -61.27 -16.18 -8.82
CA GLU C 289 -62.62 -16.39 -8.24
C GLU C 289 -63.65 -15.42 -8.84
N ILE C 290 -63.39 -14.11 -8.81
CA ILE C 290 -64.37 -13.22 -9.43
C ILE C 290 -64.76 -13.76 -10.80
N LEU C 291 -63.82 -14.43 -11.46
CA LEU C 291 -64.11 -15.09 -12.72
C LEU C 291 -64.99 -16.31 -12.49
N ASN C 292 -64.74 -17.04 -11.40
CA ASN C 292 -65.52 -18.23 -11.09
C ASN C 292 -66.97 -17.89 -10.81
N GLU C 293 -67.19 -16.68 -10.27
CA GLU C 293 -68.55 -16.21 -10.00
C GLU C 293 -69.38 -15.98 -11.26
N ILE C 294 -68.72 -15.86 -12.42
CA ILE C 294 -69.41 -15.62 -13.70
C ILE C 294 -69.02 -16.72 -14.69
#